data_5M6R
#
_entry.id   5M6R
#
_cell.length_a   68.910
_cell.length_b   81.200
_cell.length_c   79.690
_cell.angle_alpha   90.00
_cell.angle_beta   93.01
_cell.angle_gamma   90.00
#
_symmetry.space_group_name_H-M   'P 1 21 1'
#
loop_
_entity.id
_entity.type
_entity.pdbx_description
1 polymer 'Porphobilinogen deaminase'
2 non-polymer '3-[4-(2-hydroxy-2-oxoethyl)-5-[[4-(2-hydroxy-2-oxoethyl)-5-[[4-(2-hydroxy-2-oxoethyl)-5-[[4-(2-hydroxy-2-oxoethyl)-3-(3-hydroxy-3-oxopropyl)-5-methyl-1~{H}-pyrrol-2-yl]methyl]-3-(3-hydroxy-3-oxopropyl)-1~{H}-pyrrol-2-yl]methyl]-3-(3-hydroxy-3-oxopropyl)-1~{H}-pyrrol-2-yl]methyl]-1~{H}-pyrrol-3-yl]propanoic acid'
3 non-polymer 'PHOSPHATE ION'
4 non-polymer '4-(2-HYDROXYETHYL)-1-PIPERAZINE ETHANESULFONIC ACID'
5 water water
#
_entity_poly.entity_id   1
_entity_poly.type   'polypeptide(L)'
_entity_poly.pdbx_seq_one_letter_code
;MKHHHHHHPMSDYDIPTTENLYFQGAMAMSGNGNAAATAEENSPKMRVIRVGTRKSQLARIQTDSVVATLKASYPGLQFE
IIAMSTTGDKILDTALSKIGEKSLFTKELEHALEKNEVDLVVHSLKDLPTVLPPGFTIGAICKRENPHDAVVFHPKFVGK
TLETLPEKSVVGTSSLRRAAQLQRKFPHLEFRSIRGNLNTRLRKLDEQQEFSAIILATAGLQRMGWHNRVGQILHPEECM
YAVGQGALGVEVRAKDQDILDLVGVLHDPETLLRCIAERAFLRHLEGGCSVPVAVHTAMKDGQLYLTGGVWSLDGSDSIQ
ETMQATIHVPAQHEDGPEDDPQLVGITARNIPRGPQLAAQNLGISLANLLLSKGAKNILDVARQLNDAH
;
_entity_poly.pdbx_strand_id   A,B
#
loop_
_chem_comp.id
_chem_comp.type
_chem_comp.name
_chem_comp.formula
7J8 non-polymer '3-[4-(2-hydroxy-2-oxoethyl)-5-[[4-(2-hydroxy-2-oxoethyl)-5-[[4-(2-hydroxy-2-oxoethyl)-5-[[4-(2-hydroxy-2-oxoethyl)-3-(3-hydroxy-3-oxopropyl)-5-methyl-1~{H}-pyrrol-2-yl]methyl]-3-(3-hydroxy-3-oxopropyl)-1~{H}-pyrrol-2-yl]methyl]-3-(3-hydroxy-3-oxopropyl)-1~{H}-pyrrol-2-yl]methyl]-1~{H}-pyrrol-3-yl]propanoic acid' 'C40 H46 N4 O16'
EPE non-polymer '4-(2-HYDROXYETHYL)-1-PIPERAZINE ETHANESULFONIC ACID' 'C8 H18 N2 O4 S'
PO4 non-polymer 'PHOSPHATE ION' 'O4 P -3'
#
# COMPACT_ATOMS: atom_id res chain seq x y z
N MET A 46 12.83 12.00 32.01
CA MET A 46 12.54 12.47 30.66
C MET A 46 11.04 12.39 30.33
N ARG A 47 10.59 13.44 29.65
CA ARG A 47 9.20 13.59 29.22
C ARG A 47 8.92 12.63 28.09
N VAL A 48 7.95 11.71 28.28
CA VAL A 48 7.50 10.86 27.19
C VAL A 48 6.74 11.77 26.19
N ILE A 49 7.02 11.63 24.89
CA ILE A 49 6.33 12.44 23.92
C ILE A 49 5.01 11.75 23.61
N ARG A 50 3.88 12.38 23.93
CA ARG A 50 2.56 11.82 23.70
C ARG A 50 2.00 12.27 22.34
N VAL A 51 1.60 11.31 21.48
CA VAL A 51 1.08 11.60 20.15
C VAL A 51 -0.42 11.30 20.12
N GLY A 52 -1.24 12.32 19.87
CA GLY A 52 -2.68 12.15 19.83
C GLY A 52 -3.16 11.72 18.47
N THR A 53 -3.74 10.51 18.35
CA THR A 53 -4.31 10.01 17.09
C THR A 53 -5.79 9.58 17.21
N ARG A 54 -6.38 9.30 16.07
CA ARG A 54 -7.73 8.83 15.94
C ARG A 54 -7.56 7.33 15.69
N LYS A 55 -8.47 6.47 16.22
CA LYS A 55 -8.35 5.02 15.98
C LYS A 55 -8.62 4.62 14.50
N SER A 56 -8.87 5.61 13.60
CA SER A 56 -9.04 5.38 12.16
C SER A 56 -7.80 4.74 11.53
N GLN A 57 -7.97 4.12 10.39
CA GLN A 57 -6.86 3.47 9.72
C GLN A 57 -5.90 4.44 9.08
N LEU A 58 -6.35 5.38 8.24
CA LEU A 58 -5.39 6.29 7.60
C LEU A 58 -4.77 7.32 8.58
N ALA A 59 -5.51 7.62 9.67
CA ALA A 59 -5.09 8.57 10.70
C ALA A 59 -3.90 7.97 11.46
N ARG A 60 -4.06 6.70 11.85
CA ARG A 60 -3.02 5.95 12.54
C ARG A 60 -1.83 5.68 11.64
N ILE A 61 -2.01 5.39 10.34
CA ILE A 61 -0.87 5.15 9.45
C ILE A 61 0.01 6.39 9.32
N GLN A 62 -0.62 7.54 9.09
CA GLN A 62 0.11 8.79 8.95
C GLN A 62 0.84 9.12 10.25
N THR A 63 0.21 8.81 11.38
CA THR A 63 0.78 9.04 12.70
C THR A 63 1.99 8.17 12.93
N ASP A 64 1.86 6.89 12.59
CA ASP A 64 2.95 5.94 12.72
C ASP A 64 4.12 6.34 11.86
N SER A 65 3.88 6.85 10.66
CA SER A 65 4.96 7.24 9.74
C SER A 65 5.75 8.40 10.33
N VAL A 66 5.04 9.37 10.87
CA VAL A 66 5.67 10.54 11.49
C VAL A 66 6.52 10.11 12.69
N VAL A 67 5.96 9.24 13.50
CA VAL A 67 6.63 8.74 14.68
C VAL A 67 7.85 7.95 14.30
N ALA A 68 7.81 7.17 13.21
CA ALA A 68 8.98 6.41 12.77
C ALA A 68 10.14 7.33 12.40
N THR A 69 9.85 8.50 11.82
CA THR A 69 10.88 9.47 11.46
C THR A 69 11.48 10.10 12.72
N LEU A 70 10.61 10.55 13.62
CA LEU A 70 11.05 11.12 14.89
C LEU A 70 11.92 10.11 15.64
N LYS A 71 11.49 8.83 15.65
CA LYS A 71 12.21 7.73 16.30
C LYS A 71 13.61 7.52 15.68
N ALA A 72 13.75 7.70 14.35
CA ALA A 72 15.06 7.59 13.70
C ALA A 72 15.94 8.80 14.07
N SER A 73 15.33 9.98 14.25
CA SER A 73 16.11 11.14 14.68
C SER A 73 16.57 11.04 16.14
N TYR A 74 15.70 10.46 17.00
CA TYR A 74 15.86 10.38 18.44
C TYR A 74 15.77 8.97 18.92
N PRO A 75 16.81 8.20 18.60
CA PRO A 75 16.87 6.79 18.99
C PRO A 75 16.44 6.44 20.40
N GLY A 76 16.77 7.25 21.36
CA GLY A 76 16.38 6.94 22.73
C GLY A 76 14.96 7.29 23.06
N LEU A 77 14.50 8.47 22.57
CA LEU A 77 13.21 9.03 22.94
C LEU A 77 12.02 8.09 22.92
N GLN A 78 11.36 7.96 24.08
CA GLN A 78 10.14 7.20 24.28
C GLN A 78 8.92 7.99 23.82
N PHE A 79 7.95 7.32 23.10
CA PHE A 79 6.69 7.92 22.56
C PHE A 79 5.46 7.11 22.92
N GLU A 80 4.45 7.76 23.51
CA GLU A 80 3.17 7.15 23.87
C GLU A 80 2.13 7.56 22.83
N ILE A 81 1.27 6.64 22.42
CA ILE A 81 0.25 6.96 21.43
C ILE A 81 -1.11 6.90 22.10
N ILE A 82 -1.87 7.98 22.01
CA ILE A 82 -3.21 8.05 22.57
C ILE A 82 -4.18 8.16 21.43
N ALA A 83 -5.27 7.38 21.53
CA ALA A 83 -6.33 7.36 20.55
C ALA A 83 -7.64 7.31 21.25
N MET A 84 -8.52 8.29 21.02
CA MET A 84 -9.83 8.30 21.65
C MET A 84 -10.89 8.09 20.59
N SER A 85 -11.61 6.95 20.62
CA SER A 85 -12.70 6.67 19.69
C SER A 85 -14.06 6.85 20.37
N THR A 86 -14.10 7.37 21.62
CA THR A 86 -15.32 7.55 22.43
C THR A 86 -15.88 6.17 22.85
N THR A 87 -14.97 5.30 23.36
CA THR A 87 -15.19 3.89 23.79
C THR A 87 -16.08 3.08 22.80
N GLY A 88 -15.90 3.32 21.49
CA GLY A 88 -16.67 2.66 20.45
C GLY A 88 -17.07 3.56 19.29
N ASP A 89 -17.35 2.93 18.13
CA ASP A 89 -17.79 3.63 16.92
C ASP A 89 -19.29 4.01 16.98
N LYS A 90 -20.10 3.41 17.90
CA LYS A 90 -21.53 3.75 18.01
C LYS A 90 -21.77 5.21 18.45
N ILE A 91 -20.86 5.81 19.28
CA ILE A 91 -20.98 7.22 19.69
C ILE A 91 -20.46 8.10 18.51
N LEU A 92 -19.54 7.57 17.68
CA LEU A 92 -19.03 8.26 16.49
C LEU A 92 -20.01 8.14 15.29
N ASP A 93 -20.83 7.06 15.25
CA ASP A 93 -21.85 6.79 14.20
C ASP A 93 -22.97 7.82 14.26
N THR A 94 -23.35 8.25 15.47
CA THR A 94 -24.37 9.27 15.66
C THR A 94 -23.87 10.61 15.15
N ALA A 95 -22.56 10.91 15.35
CA ALA A 95 -21.93 12.13 14.82
C ALA A 95 -21.97 12.12 13.28
N LEU A 96 -22.05 10.91 12.64
CA LEU A 96 -22.22 10.77 11.19
C LEU A 96 -23.63 11.23 10.73
N SER A 97 -24.49 11.76 11.64
CA SER A 97 -25.77 12.32 11.23
C SER A 97 -25.55 13.56 10.34
N LYS A 98 -24.31 14.15 10.33
CA LYS A 98 -23.88 15.25 9.46
C LYS A 98 -22.34 15.19 9.21
N ILE A 99 -21.91 14.42 8.17
CA ILE A 99 -20.50 14.19 7.78
C ILE A 99 -20.07 15.27 6.75
N GLY A 100 -18.82 15.22 6.33
CA GLY A 100 -18.24 16.05 5.29
C GLY A 100 -17.15 16.91 5.87
N GLU A 101 -17.51 18.14 6.21
CA GLU A 101 -16.62 19.08 6.88
C GLU A 101 -16.78 18.73 8.39
N LYS A 102 -16.56 17.43 8.72
CA LYS A 102 -16.73 16.84 10.04
C LYS A 102 -15.36 16.82 10.77
N SER A 103 -14.86 18.04 11.00
CA SER A 103 -13.60 18.29 11.66
C SER A 103 -13.87 18.63 13.13
N LEU A 104 -14.76 17.85 13.76
CA LEU A 104 -15.04 17.92 15.20
C LEU A 104 -13.90 17.13 15.85
N PHE A 105 -13.43 16.08 15.15
CA PHE A 105 -12.31 15.24 15.57
C PHE A 105 -11.05 16.10 15.72
N THR A 106 -10.82 17.04 14.78
CA THR A 106 -9.67 17.95 14.84
C THR A 106 -9.82 18.92 16.03
N LYS A 107 -11.07 19.30 16.38
CA LYS A 107 -11.32 20.15 17.55
C LYS A 107 -11.05 19.33 18.81
N GLU A 108 -11.45 18.03 18.85
CA GLU A 108 -11.21 17.19 20.03
C GLU A 108 -9.69 17.13 20.30
N LEU A 109 -8.92 16.85 19.24
CA LEU A 109 -7.47 16.79 19.26
C LEU A 109 -6.81 18.10 19.73
N GLU A 110 -7.39 19.22 19.33
CA GLU A 110 -6.95 20.55 19.75
C GLU A 110 -7.35 20.86 21.19
N HIS A 111 -8.42 20.20 21.69
CA HIS A 111 -8.85 20.36 23.08
C HIS A 111 -7.92 19.55 23.97
N ALA A 112 -7.46 18.37 23.50
CA ALA A 112 -6.52 17.54 24.24
C ALA A 112 -5.18 18.25 24.34
N LEU A 113 -4.70 18.82 23.23
CA LEU A 113 -3.45 19.57 23.21
C LEU A 113 -3.51 20.68 24.22
N GLU A 114 -4.64 21.39 24.23
CA GLU A 114 -4.86 22.51 25.14
C GLU A 114 -4.74 22.09 26.61
N LYS A 115 -5.32 20.93 26.94
CA LYS A 115 -5.28 20.40 28.29
C LYS A 115 -3.91 19.84 28.65
N ASN A 116 -3.04 19.62 27.65
CA ASN A 116 -1.75 19.00 27.84
C ASN A 116 -2.02 17.50 28.05
N GLU A 117 -3.10 16.97 27.45
CA GLU A 117 -3.43 15.57 27.52
C GLU A 117 -2.49 14.88 26.54
N VAL A 118 -2.21 15.56 25.40
CA VAL A 118 -1.27 15.11 24.36
C VAL A 118 -0.29 16.23 24.07
N ASP A 119 0.81 15.88 23.36
CA ASP A 119 1.90 16.80 23.04
C ASP A 119 1.97 17.13 21.55
N LEU A 120 1.60 16.22 20.64
CA LEU A 120 1.62 16.52 19.20
C LEU A 120 0.60 15.67 18.45
N VAL A 121 0.02 16.21 17.40
CA VAL A 121 -0.98 15.50 16.62
C VAL A 121 -0.57 15.59 15.18
N VAL A 122 -0.78 14.52 14.44
CA VAL A 122 -0.43 14.43 13.04
C VAL A 122 -1.73 14.54 12.25
N HIS A 123 -1.73 15.41 11.22
CA HIS A 123 -2.85 15.68 10.33
C HIS A 123 -2.39 15.77 8.86
N SER A 124 -3.33 15.70 7.93
CA SER A 124 -3.08 15.93 6.50
C SER A 124 -3.07 17.42 6.39
N LEU A 125 -2.03 17.99 5.79
CA LEU A 125 -1.95 19.44 5.71
C LEU A 125 -3.17 20.09 5.05
N LYS A 126 -3.87 19.37 4.16
CA LYS A 126 -5.07 19.96 3.54
C LYS A 126 -6.28 20.02 4.50
N ASP A 127 -6.23 19.29 5.65
CA ASP A 127 -7.34 19.28 6.62
C ASP A 127 -7.11 20.32 7.67
N LEU A 128 -5.97 21.02 7.61
CA LEU A 128 -5.62 22.04 8.56
C LEU A 128 -5.96 23.35 7.89
N PRO A 129 -6.88 24.16 8.50
CA PRO A 129 -7.19 25.47 7.93
C PRO A 129 -6.03 26.46 7.94
N THR A 130 -6.09 27.47 7.08
CA THR A 130 -5.07 28.53 6.93
C THR A 130 -4.91 29.36 8.19
N VAL A 131 -6.00 29.58 8.92
CA VAL A 131 -5.99 30.24 10.22
C VAL A 131 -6.15 29.18 11.31
N LEU A 132 -5.12 28.90 12.05
CA LEU A 132 -5.27 27.94 13.15
C LEU A 132 -5.79 28.71 14.34
N PRO A 133 -6.52 28.06 15.27
CA PRO A 133 -7.00 28.79 16.46
C PRO A 133 -5.86 29.27 17.35
N PRO A 134 -6.17 30.12 18.35
CA PRO A 134 -5.12 30.64 19.22
C PRO A 134 -4.53 29.56 20.14
N GLY A 135 -3.20 29.53 20.18
CA GLY A 135 -2.45 28.57 20.99
C GLY A 135 -2.08 27.29 20.28
N PHE A 136 -2.08 27.28 18.94
CA PHE A 136 -1.73 26.10 18.13
C PHE A 136 -0.96 26.53 16.91
N THR A 137 -0.10 25.66 16.41
CA THR A 137 0.68 25.95 15.21
C THR A 137 1.08 24.66 14.57
N ILE A 138 1.42 24.73 13.29
CA ILE A 138 1.89 23.60 12.51
C ILE A 138 3.41 23.64 12.76
N GLY A 139 3.86 22.72 13.62
CA GLY A 139 5.26 22.59 14.02
C GLY A 139 6.18 21.95 13.01
N ALA A 140 5.63 21.11 12.09
CA ALA A 140 6.43 20.45 11.05
C ALA A 140 5.64 20.19 9.82
N ILE A 141 6.27 20.37 8.66
CA ILE A 141 5.68 20.10 7.37
C ILE A 141 6.55 18.98 6.83
N CYS A 142 5.98 17.77 6.85
CA CYS A 142 6.66 16.57 6.37
C CYS A 142 6.76 16.54 4.85
N LYS A 143 7.83 15.91 4.35
CA LYS A 143 8.11 15.68 2.93
C LYS A 143 6.83 15.26 2.20
N ARG A 144 6.64 15.82 1.02
CA ARG A 144 5.41 15.59 0.33
C ARG A 144 5.34 14.23 -0.36
N GLU A 145 4.19 13.56 -0.20
CA GLU A 145 3.81 12.32 -0.89
C GLU A 145 3.09 12.76 -2.16
N ASN A 146 2.65 11.84 -3.04
CA ASN A 146 2.01 12.26 -4.30
C ASN A 146 0.85 13.23 -4.08
N PRO A 147 0.99 14.49 -4.55
CA PRO A 147 -0.09 15.45 -4.33
C PRO A 147 -1.27 15.29 -5.27
N HIS A 148 -1.15 14.53 -6.37
CA HIS A 148 -2.21 14.40 -7.37
C HIS A 148 -3.45 13.63 -6.97
N ASP A 149 -4.53 14.02 -7.63
CA ASP A 149 -5.81 13.33 -7.53
C ASP A 149 -5.70 12.12 -8.49
N ALA A 150 -6.21 10.97 -8.09
CA ALA A 150 -6.17 9.80 -8.93
C ALA A 150 -7.56 9.29 -9.17
N VAL A 151 -7.68 8.46 -10.20
CA VAL A 151 -8.92 7.78 -10.54
C VAL A 151 -8.76 6.31 -10.20
N VAL A 152 -9.81 5.77 -9.65
CA VAL A 152 -10.02 4.36 -9.39
C VAL A 152 -11.14 4.07 -10.37
N PHE A 153 -11.10 2.92 -11.06
CA PHE A 153 -12.17 2.57 -12.00
C PHE A 153 -12.92 1.35 -11.56
N HIS A 154 -14.15 1.19 -12.05
CA HIS A 154 -14.97 0.02 -11.72
C HIS A 154 -14.22 -1.15 -12.31
N PRO A 155 -14.18 -2.30 -11.63
CA PRO A 155 -13.43 -3.43 -12.17
C PRO A 155 -13.66 -3.75 -13.66
N LYS A 156 -14.75 -3.30 -14.30
CA LYS A 156 -14.93 -3.46 -15.74
C LYS A 156 -13.99 -2.51 -16.53
N PHE A 157 -13.84 -1.24 -16.07
CA PHE A 157 -13.04 -0.24 -16.79
C PHE A 157 -11.55 -0.24 -16.41
N VAL A 158 -10.90 -1.42 -16.44
CA VAL A 158 -9.46 -1.52 -16.16
C VAL A 158 -8.78 -1.15 -17.47
N GLY A 159 -7.76 -0.29 -17.37
CA GLY A 159 -6.99 0.24 -18.49
C GLY A 159 -7.61 1.41 -19.24
N LYS A 160 -8.76 1.91 -18.76
CA LYS A 160 -9.47 2.96 -19.48
C LYS A 160 -9.42 4.24 -18.68
N THR A 161 -8.82 5.29 -19.27
CA THR A 161 -8.72 6.61 -18.64
C THR A 161 -10.09 7.28 -18.67
N LEU A 162 -10.27 8.35 -17.85
CA LEU A 162 -11.52 9.14 -17.85
C LEU A 162 -11.89 9.59 -19.26
N GLU A 163 -10.87 9.93 -20.06
CA GLU A 163 -11.01 10.37 -21.45
C GLU A 163 -11.66 9.27 -22.30
N THR A 164 -11.24 8.01 -22.05
CA THR A 164 -11.72 6.84 -22.80
C THR A 164 -12.96 6.13 -22.22
N LEU A 165 -13.46 6.58 -21.07
CA LEU A 165 -14.69 5.99 -20.53
C LEU A 165 -15.87 6.29 -21.43
N PRO A 166 -16.92 5.47 -21.35
CA PRO A 166 -18.12 5.75 -22.18
C PRO A 166 -18.87 7.00 -21.71
N GLU A 167 -19.57 7.64 -22.62
CA GLU A 167 -20.31 8.87 -22.30
C GLU A 167 -21.49 8.61 -21.34
N LYS A 168 -21.80 9.64 -20.51
CA LYS A 168 -22.76 9.68 -19.40
C LYS A 168 -22.47 8.56 -18.37
N SER A 169 -21.16 8.31 -18.09
CA SER A 169 -20.73 7.40 -17.04
C SER A 169 -20.72 8.20 -15.74
N VAL A 170 -21.27 7.63 -14.65
CA VAL A 170 -21.28 8.35 -13.37
C VAL A 170 -19.89 8.22 -12.73
N VAL A 171 -19.40 9.33 -12.13
CA VAL A 171 -18.10 9.44 -11.45
C VAL A 171 -18.28 9.96 -9.99
N GLY A 172 -18.01 9.13 -9.01
CA GLY A 172 -18.26 9.46 -7.62
C GLY A 172 -17.22 10.34 -6.98
N THR A 173 -17.64 11.48 -6.47
CA THR A 173 -16.73 12.37 -5.74
C THR A 173 -17.58 13.36 -4.91
N SER A 174 -17.14 13.73 -3.70
CA SER A 174 -17.89 14.73 -2.93
C SER A 174 -17.06 16.05 -2.80
N SER A 175 -15.94 16.16 -3.58
CA SER A 175 -15.10 17.36 -3.59
C SER A 175 -15.61 18.33 -4.64
N LEU A 176 -16.04 19.49 -4.20
CA LEU A 176 -16.52 20.50 -5.14
C LEU A 176 -15.36 20.94 -6.02
N ARG A 177 -14.13 20.87 -5.50
CA ARG A 177 -12.94 21.24 -6.24
C ARG A 177 -12.72 20.27 -7.40
N ARG A 178 -12.88 19.00 -7.13
CA ARG A 178 -12.70 17.97 -8.14
C ARG A 178 -13.84 17.98 -9.13
N ALA A 179 -15.09 18.00 -8.64
CA ALA A 179 -16.26 17.99 -9.50
C ALA A 179 -16.28 19.18 -10.43
N ALA A 180 -15.93 20.37 -9.93
CA ALA A 180 -15.91 21.59 -10.74
C ALA A 180 -14.92 21.54 -11.91
N GLN A 181 -13.77 20.97 -11.65
CA GLN A 181 -12.73 20.80 -12.66
C GLN A 181 -13.06 19.67 -13.62
N LEU A 182 -13.47 18.55 -13.06
CA LEU A 182 -13.80 17.40 -13.87
C LEU A 182 -15.07 17.58 -14.71
N GLN A 183 -16.05 18.37 -14.26
CA GLN A 183 -17.25 18.63 -15.07
C GLN A 183 -16.85 19.46 -16.29
N ARG A 184 -16.00 20.51 -16.07
CA ARG A 184 -15.54 21.40 -17.15
C ARG A 184 -14.73 20.60 -18.17
N LYS A 185 -13.78 19.81 -17.67
CA LYS A 185 -12.90 19.03 -18.55
C LYS A 185 -13.65 17.91 -19.31
N PHE A 186 -14.48 17.15 -18.59
CA PHE A 186 -15.28 16.00 -19.08
C PHE A 186 -16.78 16.37 -19.10
N PRO A 187 -17.23 17.13 -20.11
CA PRO A 187 -18.66 17.47 -20.18
C PRO A 187 -19.58 16.28 -20.35
N HIS A 188 -19.09 15.20 -20.99
CA HIS A 188 -19.89 14.02 -21.25
C HIS A 188 -19.91 13.02 -20.10
N LEU A 189 -19.25 13.28 -18.97
CA LEU A 189 -19.37 12.39 -17.81
C LEU A 189 -20.19 13.05 -16.71
N GLU A 190 -20.99 12.27 -15.97
CA GLU A 190 -21.77 12.80 -14.86
C GLU A 190 -20.94 12.59 -13.61
N PHE A 191 -21.07 13.51 -12.64
CA PHE A 191 -20.31 13.49 -11.39
C PHE A 191 -21.26 13.54 -10.20
N ARG A 192 -21.56 12.39 -9.62
CA ARG A 192 -22.45 12.32 -8.47
C ARG A 192 -21.64 12.23 -7.20
N SER A 193 -22.31 12.37 -6.05
CA SER A 193 -21.67 12.33 -4.73
C SER A 193 -21.55 10.92 -4.15
N ILE A 194 -20.35 10.60 -3.68
CA ILE A 194 -20.00 9.36 -3.02
C ILE A 194 -19.70 9.73 -1.57
N ARG A 195 -20.14 8.91 -0.64
CA ARG A 195 -20.03 9.21 0.79
C ARG A 195 -19.40 8.04 1.55
N GLY A 196 -18.51 8.37 2.50
CA GLY A 196 -17.78 7.41 3.32
C GLY A 196 -16.27 7.54 3.19
N ASN A 197 -15.52 6.61 3.88
CA ASN A 197 -14.05 6.56 3.86
C ASN A 197 -13.52 5.68 2.70
N LEU A 198 -12.19 5.67 2.52
CA LEU A 198 -11.50 4.97 1.43
C LEU A 198 -12.09 3.62 1.12
N ASN A 199 -12.16 2.78 2.14
CA ASN A 199 -12.70 1.43 2.00
C ASN A 199 -14.19 1.41 1.70
N THR A 200 -14.97 2.37 2.27
CA THR A 200 -16.40 2.44 1.95
C THR A 200 -16.57 2.87 0.48
N ARG A 201 -15.89 3.93 0.05
CA ARG A 201 -15.99 4.40 -1.34
C ARG A 201 -15.52 3.32 -2.31
N LEU A 202 -14.44 2.61 -1.95
CA LEU A 202 -13.92 1.52 -2.77
C LEU A 202 -14.91 0.37 -2.86
N ARG A 203 -15.51 0.03 -1.72
CA ARG A 203 -16.49 -1.06 -1.65
C ARG A 203 -17.71 -0.74 -2.49
N LYS A 204 -18.23 0.49 -2.37
CA LYS A 204 -19.41 0.93 -3.11
C LYS A 204 -19.17 0.85 -4.62
N LEU A 205 -18.01 1.32 -5.09
CA LEU A 205 -17.68 1.26 -6.52
C LEU A 205 -17.64 -0.20 -7.03
N ASP A 206 -17.00 -1.11 -6.25
CA ASP A 206 -16.86 -2.50 -6.66
C ASP A 206 -18.22 -3.21 -6.70
N GLU A 207 -18.99 -3.06 -5.61
CA GLU A 207 -20.27 -3.73 -5.45
C GLU A 207 -21.35 -3.22 -6.34
N GLN A 208 -21.72 -1.95 -6.18
CA GLN A 208 -22.83 -1.37 -6.93
C GLN A 208 -22.43 -1.03 -8.35
N GLN A 209 -23.43 -1.02 -9.23
CA GLN A 209 -23.26 -0.63 -10.63
C GLN A 209 -23.41 0.88 -10.88
N GLU A 210 -23.77 1.68 -9.85
CA GLU A 210 -23.99 3.12 -9.97
C GLU A 210 -22.78 3.85 -10.52
N PHE A 211 -21.63 3.71 -9.83
CA PHE A 211 -20.39 4.39 -10.21
C PHE A 211 -19.54 3.51 -11.11
N SER A 212 -18.86 4.17 -12.07
CA SER A 212 -17.91 3.58 -13.00
C SER A 212 -16.47 3.92 -12.58
N ALA A 213 -16.27 5.05 -11.87
CA ALA A 213 -14.99 5.50 -11.37
C ALA A 213 -15.17 6.41 -10.17
N ILE A 214 -14.19 6.43 -9.27
CA ILE A 214 -14.22 7.35 -8.15
C ILE A 214 -12.95 8.15 -8.16
N ILE A 215 -13.05 9.39 -7.73
CA ILE A 215 -11.89 10.25 -7.61
C ILE A 215 -11.44 10.23 -6.16
N LEU A 216 -10.13 10.12 -5.98
CA LEU A 216 -9.49 10.01 -4.65
C LEU A 216 -8.05 10.55 -4.69
N ALA A 217 -7.44 10.74 -3.54
CA ALA A 217 -6.07 11.25 -3.52
C ALA A 217 -5.11 10.10 -3.63
N THR A 218 -4.09 10.26 -4.48
CA THR A 218 -3.04 9.26 -4.72
C THR A 218 -2.28 8.90 -3.43
N ALA A 219 -1.82 9.91 -2.68
CA ALA A 219 -1.12 9.74 -1.39
C ALA A 219 -2.00 8.92 -0.43
N GLY A 220 -3.31 9.20 -0.45
CA GLY A 220 -4.27 8.50 0.39
C GLY A 220 -4.24 7.04 0.07
N LEU A 221 -4.47 6.68 -1.19
CA LEU A 221 -4.41 5.29 -1.61
C LEU A 221 -3.05 4.69 -1.34
N GLN A 222 -1.95 5.44 -1.57
CA GLN A 222 -0.60 4.95 -1.37
C GLN A 222 -0.31 4.47 0.06
N ARG A 223 -0.75 5.26 1.04
CA ARG A 223 -0.58 5.02 2.47
C ARG A 223 -1.32 3.79 2.94
N MET A 224 -2.54 3.62 2.48
CA MET A 224 -3.41 2.49 2.80
C MET A 224 -2.90 1.22 2.10
N GLY A 225 -2.01 1.36 1.13
CA GLY A 225 -1.48 0.25 0.39
C GLY A 225 -2.46 -0.21 -0.67
N TRP A 226 -3.27 0.75 -1.17
CA TRP A 226 -4.21 0.52 -2.28
C TRP A 226 -3.59 1.16 -3.57
N HIS A 227 -2.25 1.29 -3.67
CA HIS A 227 -1.62 1.85 -4.87
C HIS A 227 -2.01 1.08 -6.14
N ASN A 228 -2.26 -0.25 -6.03
CA ASN A 228 -2.65 -1.06 -7.19
CA ASN A 228 -2.71 -1.12 -7.13
C ASN A 228 -4.04 -0.65 -7.74
N ARG A 229 -4.94 0.01 -6.94
CA ARG A 229 -6.25 0.48 -7.43
C ARG A 229 -6.18 1.82 -8.16
N VAL A 230 -5.03 2.47 -8.14
CA VAL A 230 -4.92 3.70 -8.89
C VAL A 230 -4.91 3.33 -10.35
N GLY A 231 -5.84 3.91 -11.08
CA GLY A 231 -6.05 3.67 -12.48
C GLY A 231 -5.49 4.75 -13.38
N GLN A 232 -5.68 6.02 -12.99
CA GLN A 232 -5.19 7.20 -13.70
C GLN A 232 -4.71 8.23 -12.70
N ILE A 233 -3.50 8.79 -12.85
CA ILE A 233 -3.09 9.87 -11.95
C ILE A 233 -3.38 11.14 -12.71
N LEU A 234 -4.33 11.94 -12.21
CA LEU A 234 -4.79 13.16 -12.87
C LEU A 234 -3.77 14.31 -12.78
N HIS A 235 -3.44 14.89 -13.94
CA HIS A 235 -2.49 15.99 -14.07
C HIS A 235 -3.23 17.33 -13.91
N PRO A 236 -2.53 18.45 -13.63
CA PRO A 236 -3.20 19.77 -13.52
C PRO A 236 -4.19 20.18 -14.59
N GLU A 237 -4.03 19.68 -15.82
CA GLU A 237 -4.90 20.01 -16.97
C GLU A 237 -6.25 19.35 -16.83
N GLU A 238 -6.27 18.15 -16.22
CA GLU A 238 -7.50 17.44 -15.91
C GLU A 238 -8.03 17.88 -14.54
N CYS A 239 -7.17 17.91 -13.50
CA CYS A 239 -7.60 18.25 -12.14
C CYS A 239 -6.43 18.70 -11.26
N MET A 240 -6.34 20.01 -10.97
CA MET A 240 -5.33 20.52 -10.04
C MET A 240 -5.72 20.09 -8.63
N TYR A 241 -4.72 19.90 -7.79
CA TYR A 241 -4.90 19.36 -6.43
C TYR A 241 -5.21 20.41 -5.40
N ALA A 242 -5.65 19.97 -4.21
CA ALA A 242 -6.00 20.87 -3.10
C ALA A 242 -4.75 21.39 -2.45
N VAL A 243 -4.97 22.42 -1.64
CA VAL A 243 -3.89 23.09 -0.94
C VAL A 243 -3.29 22.20 0.14
N GLY A 244 -1.97 21.96 0.04
CA GLY A 244 -1.25 21.09 0.93
C GLY A 244 -1.62 19.63 0.84
N GLN A 245 -2.13 19.16 -0.31
CA GLN A 245 -2.47 17.74 -0.46
C GLN A 245 -1.18 16.95 -0.60
N GLY A 246 -1.17 15.70 -0.14
CA GLY A 246 0.02 14.88 -0.18
C GLY A 246 1.05 15.19 0.88
N ALA A 247 0.88 16.24 1.70
CA ALA A 247 1.83 16.55 2.75
C ALA A 247 1.16 16.40 4.14
N LEU A 248 1.94 15.89 5.12
CA LEU A 248 1.48 15.74 6.49
C LEU A 248 1.95 16.91 7.28
N GLY A 249 1.08 17.37 8.16
CA GLY A 249 1.37 18.48 9.05
C GLY A 249 1.32 17.99 10.48
N VAL A 250 2.19 18.52 11.35
CA VAL A 250 2.17 18.15 12.77
C VAL A 250 1.73 19.34 13.53
N GLU A 251 0.57 19.24 14.22
CA GLU A 251 0.02 20.33 15.03
C GLU A 251 0.52 20.17 16.46
N VAL A 252 0.94 21.28 17.05
CA VAL A 252 1.49 21.39 18.38
C VAL A 252 1.05 22.70 18.98
N ARG A 253 1.29 22.87 20.28
CA ARG A 253 1.01 24.11 20.99
C ARG A 253 2.04 25.18 20.62
N ALA A 254 1.57 26.36 20.26
CA ALA A 254 2.37 27.51 19.84
C ALA A 254 3.44 27.94 20.81
N LYS A 255 3.22 27.77 22.13
CA LYS A 255 4.19 28.17 23.14
C LYS A 255 4.91 26.99 23.79
N ASP A 256 5.07 25.86 23.08
CA ASP A 256 5.79 24.68 23.62
C ASP A 256 7.09 24.57 22.86
N GLN A 257 8.12 25.28 23.32
CA GLN A 257 9.42 25.27 22.65
C GLN A 257 10.01 23.89 22.59
N ASP A 258 9.86 23.10 23.67
CA ASP A 258 10.42 21.74 23.71
C ASP A 258 9.89 20.84 22.60
N ILE A 259 8.57 20.92 22.31
CA ILE A 259 7.95 20.11 21.27
C ILE A 259 8.24 20.66 19.90
N LEU A 260 8.33 21.98 19.74
CA LEU A 260 8.66 22.59 18.44
C LEU A 260 10.10 22.24 18.03
N ASP A 261 11.01 22.22 19.00
CA ASP A 261 12.40 21.86 18.76
C ASP A 261 12.52 20.46 18.16
N LEU A 262 11.93 19.48 18.85
CA LEU A 262 11.97 18.11 18.40
C LEU A 262 11.36 17.92 17.08
N VAL A 263 10.17 18.45 16.90
CA VAL A 263 9.45 18.22 15.64
C VAL A 263 10.02 18.99 14.46
N GLY A 264 10.78 20.07 14.71
CA GLY A 264 11.44 20.83 13.67
C GLY A 264 12.27 19.99 12.72
N VAL A 265 12.83 18.86 13.23
CA VAL A 265 13.62 17.94 12.40
C VAL A 265 12.87 17.44 11.18
N LEU A 266 11.54 17.24 11.30
CA LEU A 266 10.66 16.74 10.27
C LEU A 266 10.45 17.71 9.14
N HIS A 267 10.69 19.02 9.34
CA HIS A 267 10.49 19.97 8.24
C HIS A 267 11.29 19.65 6.99
N ASP A 268 10.59 19.49 5.84
CA ASP A 268 11.22 19.37 4.53
C ASP A 268 11.10 20.78 3.93
N PRO A 269 12.24 21.43 3.57
CA PRO A 269 12.15 22.81 3.03
C PRO A 269 11.42 22.93 1.71
N GLU A 270 11.65 22.02 0.75
CA GLU A 270 10.91 22.15 -0.50
C GLU A 270 9.42 22.04 -0.25
N THR A 271 8.95 21.09 0.58
CA THR A 271 7.50 20.97 0.84
C THR A 271 6.98 22.19 1.60
N LEU A 272 7.70 22.59 2.64
CA LEU A 272 7.32 23.76 3.45
C LEU A 272 7.07 24.98 2.57
N LEU A 273 8.02 25.30 1.66
CA LEU A 273 7.91 26.50 0.84
C LEU A 273 6.72 26.47 -0.10
N ARG A 274 6.54 25.36 -0.76
CA ARG A 274 5.41 25.14 -1.63
C ARG A 274 4.12 25.22 -0.82
N CYS A 275 4.14 24.64 0.36
CA CYS A 275 2.94 24.64 1.15
C CYS A 275 2.58 26.00 1.72
N ILE A 276 3.56 26.85 2.01
CA ILE A 276 3.30 28.23 2.45
C ILE A 276 2.68 29.01 1.31
N ALA A 277 3.28 28.92 0.11
CA ALA A 277 2.77 29.62 -1.06
C ALA A 277 1.30 29.31 -1.28
N GLU A 278 0.96 28.02 -1.27
CA GLU A 278 -0.42 27.53 -1.50
C GLU A 278 -1.39 27.99 -0.41
N ARG A 279 -0.94 27.88 0.84
CA ARG A 279 -1.75 28.30 1.98
C ARG A 279 -1.95 29.80 1.95
N ALA A 280 -0.90 30.56 1.63
CA ALA A 280 -0.97 32.01 1.56
C ALA A 280 -1.96 32.45 0.47
N PHE A 281 -1.88 31.85 -0.73
CA PHE A 281 -2.79 32.09 -1.85
C PHE A 281 -4.25 31.84 -1.48
N LEU A 282 -4.51 30.70 -0.84
CA LEU A 282 -5.89 30.31 -0.47
C LEU A 282 -6.47 31.18 0.63
N ARG A 283 -5.63 31.51 1.63
CA ARG A 283 -6.01 32.36 2.76
C ARG A 283 -6.37 33.73 2.25
N HIS A 284 -5.56 34.26 1.33
CA HIS A 284 -5.75 35.57 0.78
C HIS A 284 -6.97 35.61 -0.09
N LEU A 285 -7.29 34.50 -0.78
CA LEU A 285 -8.51 34.45 -1.57
C LEU A 285 -9.77 34.62 -0.67
N GLU A 286 -9.75 34.25 0.62
CA GLU A 286 -10.86 34.36 1.57
C GLU A 286 -12.10 33.62 1.04
N GLY A 287 -11.86 32.38 0.64
CA GLY A 287 -12.88 31.51 0.07
C GLY A 287 -13.98 31.05 0.99
N GLY A 288 -13.78 31.20 2.30
CA GLY A 288 -14.76 30.76 3.29
C GLY A 288 -14.28 29.46 3.86
N CYS A 289 -14.45 28.33 3.12
CA CYS A 289 -13.99 27.04 3.65
C CYS A 289 -13.88 25.91 2.62
N SER A 290 -15.02 25.44 2.08
CA SER A 290 -15.04 24.36 1.08
C SER A 290 -15.47 24.99 -0.20
N VAL A 291 -14.51 25.34 -1.04
CA VAL A 291 -14.80 26.02 -2.31
C VAL A 291 -13.89 25.48 -3.37
N PRO A 292 -14.25 25.72 -4.67
CA PRO A 292 -13.45 25.18 -5.76
C PRO A 292 -12.18 25.99 -6.03
N VAL A 293 -11.16 25.73 -5.20
CA VAL A 293 -9.84 26.38 -5.24
C VAL A 293 -8.83 25.26 -5.36
N ALA A 294 -7.95 25.33 -6.37
CA ALA A 294 -6.91 24.33 -6.59
C ALA A 294 -5.59 24.97 -6.96
N VAL A 295 -4.51 24.22 -6.75
CA VAL A 295 -3.15 24.71 -6.89
C VAL A 295 -2.29 23.69 -7.53
N HIS A 296 -1.17 24.14 -8.03
CA HIS A 296 -0.11 23.28 -8.52
C HIS A 296 1.18 24.01 -8.22
N THR A 297 2.16 23.32 -7.63
CA THR A 297 3.43 23.92 -7.30
C THR A 297 4.61 23.08 -7.73
N ALA A 298 5.71 23.75 -8.03
CA ALA A 298 6.94 23.11 -8.45
C ALA A 298 8.14 23.96 -8.08
N MET A 299 9.28 23.34 -7.84
CA MET A 299 10.52 24.05 -7.56
C MET A 299 11.65 23.47 -8.37
N LYS A 300 11.97 24.06 -9.52
CA LYS A 300 13.06 23.60 -10.37
C LYS A 300 13.85 24.81 -10.84
N ASP A 301 15.20 24.66 -10.90
CA ASP A 301 16.13 25.67 -11.42
C ASP A 301 16.13 26.97 -10.59
N GLY A 302 15.96 26.84 -9.27
CA GLY A 302 15.88 27.98 -8.36
C GLY A 302 14.69 28.90 -8.56
N GLN A 303 13.51 28.31 -8.82
CA GLN A 303 12.28 29.05 -9.05
C GLN A 303 11.13 28.30 -8.41
N LEU A 304 10.27 29.00 -7.67
CA LEU A 304 9.05 28.38 -7.14
C LEU A 304 7.90 28.74 -8.11
N TYR A 305 7.31 27.75 -8.79
CA TYR A 305 6.17 27.96 -9.67
C TYR A 305 4.93 27.70 -8.85
N LEU A 306 3.95 28.58 -8.93
CA LEU A 306 2.67 28.39 -8.29
C LEU A 306 1.58 28.69 -9.31
N THR A 307 0.70 27.70 -9.52
CA THR A 307 -0.47 27.85 -10.36
C THR A 307 -1.65 27.74 -9.45
N GLY A 308 -2.55 28.68 -9.54
CA GLY A 308 -3.74 28.75 -8.71
C GLY A 308 -4.93 28.94 -9.59
N GLY A 309 -6.02 28.29 -9.23
CA GLY A 309 -7.24 28.37 -10.01
C GLY A 309 -8.47 28.45 -9.15
N VAL A 310 -9.54 28.98 -9.72
CA VAL A 310 -10.82 29.06 -9.03
C VAL A 310 -11.87 28.73 -10.02
N TRP A 311 -12.92 28.00 -9.63
CA TRP A 311 -13.99 27.58 -10.54
C TRP A 311 -15.35 27.76 -9.95
N SER A 312 -16.38 27.89 -10.83
CA SER A 312 -17.78 27.87 -10.44
C SER A 312 -18.11 26.38 -10.22
N LEU A 313 -19.07 26.04 -9.32
CA LEU A 313 -19.43 24.63 -9.03
C LEU A 313 -19.56 23.74 -10.29
N ASP A 314 -20.12 24.28 -11.36
CA ASP A 314 -20.25 23.57 -12.65
C ASP A 314 -18.92 23.50 -13.44
N GLY A 315 -18.10 24.55 -13.34
CA GLY A 315 -16.83 24.69 -14.05
C GLY A 315 -16.82 25.67 -15.23
N SER A 316 -17.99 26.12 -15.72
CA SER A 316 -18.08 26.98 -16.90
C SER A 316 -17.15 28.19 -16.82
N ASP A 317 -17.10 28.86 -15.66
CA ASP A 317 -16.25 30.02 -15.45
C ASP A 317 -15.10 29.62 -14.54
N SER A 318 -13.88 30.00 -14.95
CA SER A 318 -12.65 29.62 -14.29
C SER A 318 -11.55 30.68 -14.44
N ILE A 319 -10.80 30.97 -13.37
CA ILE A 319 -9.68 31.90 -13.41
C ILE A 319 -8.45 31.14 -12.99
N GLN A 320 -7.69 30.60 -13.94
CA GLN A 320 -6.46 29.89 -13.66
C GLN A 320 -5.34 30.82 -14.08
N GLU A 321 -4.34 31.00 -13.21
CA GLU A 321 -3.17 31.81 -13.48
C GLU A 321 -1.91 31.23 -12.85
N THR A 322 -0.77 31.51 -13.47
CA THR A 322 0.52 30.99 -13.01
C THR A 322 1.52 32.13 -12.77
N MET A 323 2.16 32.09 -11.61
CA MET A 323 3.18 33.06 -11.24
C MET A 323 4.38 32.29 -10.69
N GLN A 324 5.55 32.95 -10.68
CA GLN A 324 6.76 32.30 -10.19
C GLN A 324 7.70 33.29 -9.54
N ALA A 325 8.48 32.82 -8.58
CA ALA A 325 9.44 33.61 -7.81
C ALA A 325 10.76 32.90 -7.76
N THR A 326 11.85 33.66 -7.77
CA THR A 326 13.18 33.11 -7.65
C THR A 326 13.39 32.79 -6.19
N ILE A 327 13.17 31.53 -5.82
CA ILE A 327 13.28 31.07 -4.44
C ILE A 327 14.14 29.83 -4.48
N HIS A 328 15.27 29.88 -3.75
CA HIS A 328 16.21 28.79 -3.66
C HIS A 328 15.87 27.95 -2.46
N VAL A 329 15.74 26.63 -2.67
CA VAL A 329 15.41 25.72 -1.59
C VAL A 329 16.64 25.63 -0.64
N PRO A 330 16.47 26.09 0.61
CA PRO A 330 17.61 26.11 1.54
C PRO A 330 17.99 24.77 2.11
N ALA A 331 19.21 24.32 1.81
CA ALA A 331 19.70 23.05 2.34
C ALA A 331 20.04 23.17 3.83
N GLN A 332 20.55 24.33 4.26
CA GLN A 332 20.98 24.57 5.63
C GLN A 332 19.88 24.99 6.60
N HIS A 333 19.90 24.41 7.82
CA HIS A 333 19.02 24.81 8.93
C HIS A 333 19.70 25.97 9.65
N GLU A 334 18.90 26.87 10.22
CA GLU A 334 19.31 28.12 10.85
C GLU A 334 18.74 28.19 12.27
N ASP A 335 19.34 29.01 13.15
CA ASP A 335 18.89 29.20 14.53
C ASP A 335 18.15 30.54 14.65
N GLY A 336 16.92 30.58 14.14
CA GLY A 336 16.12 31.80 14.15
C GLY A 336 15.50 32.07 15.51
N PRO A 337 14.87 33.25 15.69
CA PRO A 337 14.32 33.61 17.02
C PRO A 337 12.87 33.21 17.29
N GLU A 338 12.55 33.08 18.59
CA GLU A 338 11.22 32.69 19.07
C GLU A 338 10.17 33.79 18.84
N ASP A 339 10.61 35.06 18.68
CA ASP A 339 9.73 36.20 18.45
C ASP A 339 9.12 36.24 17.05
N ASP A 340 9.67 35.45 16.09
CA ASP A 340 9.16 35.47 14.71
C ASP A 340 7.80 34.84 14.65
N PRO A 341 6.77 35.61 14.24
CA PRO A 341 5.42 35.04 14.17
C PRO A 341 5.35 33.95 13.12
N GLN A 342 4.42 33.01 13.33
CA GLN A 342 4.17 31.90 12.40
C GLN A 342 3.61 32.45 11.09
N LEU A 343 3.76 31.72 9.98
CA LEU A 343 3.31 32.15 8.66
C LEU A 343 2.29 31.15 8.22
N VAL A 344 1.07 31.60 7.91
CA VAL A 344 -0.06 30.76 7.47
C VAL A 344 -0.17 29.50 8.38
N GLY A 345 -0.06 29.78 9.67
CA GLY A 345 -0.11 28.79 10.74
C GLY A 345 1.10 27.93 10.98
N ILE A 346 2.22 28.19 10.30
CA ILE A 346 3.41 27.34 10.34
C ILE A 346 4.56 28.02 11.06
N THR A 347 5.16 27.27 12.00
CA THR A 347 6.31 27.67 12.77
C THR A 347 7.47 26.83 12.28
N ALA A 348 8.45 27.48 11.62
CA ALA A 348 9.61 26.83 11.02
C ALA A 348 10.80 27.77 11.20
N ARG A 349 11.05 28.09 12.46
CA ARG A 349 12.14 28.96 12.88
C ARG A 349 13.52 28.33 12.66
N ASN A 350 13.62 27.01 12.43
CA ASN A 350 14.92 26.37 12.15
C ASN A 350 15.26 26.39 10.66
N ILE A 351 14.38 26.96 9.83
CA ILE A 351 14.55 27.04 8.39
C ILE A 351 14.67 28.54 8.04
N PRO A 352 15.60 28.94 7.14
CA PRO A 352 15.69 30.37 6.76
C PRO A 352 14.33 31.02 6.48
N ARG A 353 14.14 32.22 7.02
CA ARG A 353 12.88 32.95 6.97
C ARG A 353 12.69 33.68 5.66
N GLY A 354 13.77 34.11 5.03
CA GLY A 354 13.70 34.83 3.76
C GLY A 354 12.95 34.09 2.68
N PRO A 355 13.41 32.85 2.38
CA PRO A 355 12.71 32.01 1.42
C PRO A 355 11.27 31.77 1.80
N GLN A 356 10.90 31.68 3.11
CA GLN A 356 9.49 31.47 3.50
C GLN A 356 8.61 32.69 3.17
N LEU A 357 9.15 33.87 3.44
CA LEU A 357 8.48 35.13 3.15
C LEU A 357 8.22 35.31 1.67
N ALA A 358 9.18 34.91 0.81
CA ALA A 358 9.03 34.94 -0.66
C ALA A 358 7.90 34.01 -1.13
N ALA A 359 7.76 32.85 -0.51
CA ALA A 359 6.69 31.90 -0.83
C ALA A 359 5.34 32.50 -0.47
N GLN A 360 5.22 33.13 0.71
CA GLN A 360 3.95 33.77 1.11
C GLN A 360 3.60 34.86 0.14
N ASN A 361 4.59 35.69 -0.21
CA ASN A 361 4.46 36.80 -1.16
C ASN A 361 3.95 36.32 -2.47
N LEU A 362 4.52 35.23 -2.97
CA LEU A 362 4.12 34.66 -4.27
C LEU A 362 2.66 34.24 -4.23
N GLY A 363 2.25 33.55 -3.17
CA GLY A 363 0.86 33.15 -3.03
C GLY A 363 -0.04 34.35 -2.95
N ILE A 364 0.37 35.38 -2.19
CA ILE A 364 -0.45 36.58 -2.07
C ILE A 364 -0.60 37.31 -3.41
N SER A 365 0.49 37.40 -4.17
CA SER A 365 0.48 38.01 -5.49
C SER A 365 -0.51 37.31 -6.41
N LEU A 366 -0.50 35.98 -6.41
CA LEU A 366 -1.39 35.21 -7.27
C LEU A 366 -2.84 35.34 -6.81
N ALA A 367 -3.08 35.45 -5.48
CA ALA A 367 -4.43 35.65 -4.97
C ALA A 367 -4.93 37.01 -5.41
N ASN A 368 -4.06 38.02 -5.29
CA ASN A 368 -4.40 39.38 -5.67
C ASN A 368 -4.80 39.52 -7.14
N LEU A 369 -4.07 38.83 -8.05
CA LEU A 369 -4.38 38.85 -9.49
C LEU A 369 -5.70 38.16 -9.72
N LEU A 370 -5.94 37.04 -9.06
CA LEU A 370 -7.19 36.32 -9.26
C LEU A 370 -8.35 37.17 -8.79
N LEU A 371 -8.22 37.86 -7.66
CA LEU A 371 -9.30 38.72 -7.18
C LEU A 371 -9.59 39.85 -8.13
N SER A 372 -8.54 40.45 -8.72
CA SER A 372 -8.70 41.53 -9.71
C SER A 372 -9.47 41.02 -10.92
N LYS A 373 -9.19 39.79 -11.35
CA LYS A 373 -9.87 39.14 -12.47
C LYS A 373 -11.30 38.64 -12.08
N GLY A 374 -11.78 38.92 -10.87
CA GLY A 374 -13.12 38.61 -10.42
C GLY A 374 -13.27 37.29 -9.71
N ALA A 375 -12.21 36.81 -9.07
CA ALA A 375 -12.27 35.54 -8.33
C ALA A 375 -13.18 35.70 -7.12
N LYS A 376 -13.32 36.91 -6.55
CA LYS A 376 -14.19 37.06 -5.39
C LYS A 376 -15.61 36.67 -5.73
N ASN A 377 -16.10 37.08 -6.93
CA ASN A 377 -17.45 36.76 -7.38
C ASN A 377 -17.70 35.25 -7.48
N ILE A 378 -16.84 34.47 -8.11
CA ILE A 378 -17.09 33.04 -8.25
C ILE A 378 -17.26 32.32 -6.89
N LEU A 379 -16.45 32.72 -5.91
CA LEU A 379 -16.49 32.09 -4.60
C LEU A 379 -17.84 32.24 -3.91
N ASP A 380 -18.38 33.46 -3.87
CA ASP A 380 -19.67 33.72 -3.21
C ASP A 380 -20.81 32.96 -3.87
N VAL A 381 -20.78 32.79 -5.20
CA VAL A 381 -21.80 32.03 -5.91
C VAL A 381 -21.73 30.58 -5.49
N ALA A 382 -20.54 30.03 -5.30
CA ALA A 382 -20.37 28.65 -4.88
C ALA A 382 -20.78 28.41 -3.44
N ARG A 383 -20.49 29.38 -2.54
CA ARG A 383 -20.86 29.26 -1.14
C ARG A 383 -22.38 29.19 -0.99
N GLN A 384 -23.11 29.88 -1.86
CA GLN A 384 -24.57 29.88 -1.82
C GLN A 384 -25.17 28.75 -2.64
N LEU A 385 -24.37 28.07 -3.47
CA LEU A 385 -24.80 26.97 -4.34
C LEU A 385 -25.73 27.49 -5.42
N MET B 46 -23.16 -13.16 -21.62
CA MET B 46 -22.88 -14.60 -21.59
C MET B 46 -22.48 -15.08 -20.18
N ARG B 47 -22.04 -16.36 -20.04
CA ARG B 47 -21.60 -16.93 -18.76
C ARG B 47 -20.41 -16.13 -18.28
N VAL B 48 -20.71 -15.08 -17.49
CA VAL B 48 -19.79 -14.13 -16.86
C VAL B 48 -18.78 -14.95 -16.05
N ILE B 49 -17.51 -14.56 -16.09
CA ILE B 49 -16.48 -15.31 -15.35
C ILE B 49 -16.51 -14.81 -13.89
N ARG B 50 -16.85 -15.70 -12.97
CA ARG B 50 -16.98 -15.38 -11.55
C ARG B 50 -15.67 -15.71 -10.84
N VAL B 51 -15.11 -14.72 -10.17
CA VAL B 51 -13.85 -14.90 -9.45
C VAL B 51 -14.10 -14.88 -7.93
N GLY B 52 -13.59 -15.91 -7.25
CA GLY B 52 -13.69 -16.10 -5.81
C GLY B 52 -12.46 -15.59 -5.08
N THR B 53 -12.66 -14.93 -3.93
CA THR B 53 -11.56 -14.40 -3.11
C THR B 53 -11.92 -14.32 -1.62
N ARG B 54 -10.87 -14.35 -0.77
CA ARG B 54 -10.95 -14.16 0.69
C ARG B 54 -11.11 -12.63 1.00
N LYS B 55 -11.96 -12.27 1.98
CA LYS B 55 -12.20 -10.87 2.39
C LYS B 55 -10.96 -10.29 3.09
N SER B 56 -9.91 -9.95 2.30
CA SER B 56 -8.63 -9.49 2.86
C SER B 56 -7.92 -8.62 1.89
N GLN B 57 -7.36 -7.48 2.37
CA GLN B 57 -6.70 -6.52 1.49
C GLN B 57 -5.73 -7.18 0.54
N LEU B 58 -4.82 -8.04 1.03
CA LEU B 58 -3.87 -8.68 0.12
C LEU B 58 -4.50 -9.76 -0.80
N ALA B 59 -5.51 -10.50 -0.33
CA ALA B 59 -6.13 -11.51 -1.18
C ALA B 59 -6.85 -10.78 -2.31
N ARG B 60 -7.55 -9.72 -1.98
CA ARG B 60 -8.23 -8.82 -2.91
C ARG B 60 -7.27 -8.24 -3.99
N ILE B 61 -6.11 -7.74 -3.58
CA ILE B 61 -5.11 -7.19 -4.49
C ILE B 61 -4.60 -8.24 -5.48
N GLN B 62 -4.29 -9.41 -4.98
CA GLN B 62 -3.78 -10.50 -5.81
C GLN B 62 -4.84 -10.90 -6.84
N THR B 63 -6.10 -10.88 -6.41
CA THR B 63 -7.22 -11.24 -7.26
C THR B 63 -7.40 -10.23 -8.36
N ASP B 64 -7.35 -8.94 -8.00
CA ASP B 64 -7.44 -7.85 -8.95
C ASP B 64 -6.33 -7.91 -9.98
N SER B 65 -5.11 -8.26 -9.56
CA SER B 65 -3.97 -8.30 -10.47
C SER B 65 -4.17 -9.39 -11.51
N VAL B 66 -4.64 -10.56 -11.06
CA VAL B 66 -4.91 -11.68 -11.95
C VAL B 66 -5.99 -11.30 -12.97
N VAL B 67 -7.04 -10.68 -12.47
CA VAL B 67 -8.15 -10.28 -13.31
C VAL B 67 -7.71 -9.23 -14.31
N ALA B 68 -6.83 -8.31 -13.94
CA ALA B 68 -6.34 -7.31 -14.86
C ALA B 68 -5.59 -7.94 -16.03
N THR B 69 -4.85 -9.04 -15.79
CA THR B 69 -4.13 -9.75 -16.85
C THR B 69 -5.09 -10.47 -17.77
N LEU B 70 -6.05 -11.20 -17.17
CA LEU B 70 -7.09 -11.88 -17.94
C LEU B 70 -7.85 -10.88 -18.81
N LYS B 71 -8.18 -9.73 -18.25
CA LYS B 71 -8.87 -8.68 -18.99
C LYS B 71 -8.05 -8.11 -20.14
N ALA B 72 -6.72 -8.00 -19.99
CA ALA B 72 -5.86 -7.57 -21.10
C ALA B 72 -5.82 -8.65 -22.19
N SER B 73 -5.88 -9.93 -21.80
CA SER B 73 -5.94 -11.00 -22.80
C SER B 73 -7.29 -11.05 -23.53
N TYR B 74 -8.39 -10.77 -22.79
CA TYR B 74 -9.76 -10.90 -23.23
C TYR B 74 -10.51 -9.61 -23.02
N PRO B 75 -10.16 -8.62 -23.86
CA PRO B 75 -10.77 -7.31 -23.78
C PRO B 75 -12.27 -7.23 -23.57
N GLY B 76 -13.02 -8.12 -24.18
CA GLY B 76 -14.45 -8.07 -24.04
C GLY B 76 -14.96 -8.70 -22.76
N LEU B 77 -14.42 -9.91 -22.51
CA LEU B 77 -14.88 -10.81 -21.47
C LEU B 77 -15.17 -10.09 -20.17
N GLN B 78 -16.38 -10.31 -19.61
CA GLN B 78 -16.94 -9.68 -18.42
C GLN B 78 -16.68 -10.58 -17.21
N PHE B 79 -16.28 -9.97 -16.05
CA PHE B 79 -15.89 -10.69 -14.81
C PHE B 79 -16.58 -10.17 -13.56
N GLU B 80 -17.21 -11.05 -12.79
CA GLU B 80 -17.90 -10.73 -11.52
C GLU B 80 -16.98 -11.16 -10.38
N ILE B 81 -16.89 -10.36 -9.31
CA ILE B 81 -16.04 -10.72 -8.18
C ILE B 81 -16.92 -11.00 -6.99
N ILE B 82 -16.77 -12.18 -6.39
CA ILE B 82 -17.50 -12.59 -5.20
C ILE B 82 -16.47 -12.79 -4.10
N ALA B 83 -16.78 -12.39 -2.88
CA ALA B 83 -15.83 -12.60 -1.78
C ALA B 83 -16.53 -13.15 -0.56
N MET B 84 -16.01 -14.25 -0.02
CA MET B 84 -16.47 -14.86 1.22
C MET B 84 -15.19 -15.17 1.99
N SER B 85 -15.19 -14.94 3.30
CA SER B 85 -14.00 -15.08 4.14
C SER B 85 -13.83 -16.51 4.65
N THR B 86 -12.60 -16.99 4.60
CA THR B 86 -12.24 -18.32 5.09
C THR B 86 -11.78 -18.27 6.57
N THR B 87 -10.71 -17.51 6.89
CA THR B 87 -10.10 -17.46 8.25
C THR B 87 -9.52 -16.06 8.60
N GLY B 88 -9.06 -15.93 9.85
CA GLY B 88 -8.44 -14.73 10.41
C GLY B 88 -7.17 -15.02 11.18
N ASP B 89 -6.01 -14.88 10.49
CA ASP B 89 -4.66 -15.11 11.02
C ASP B 89 -4.48 -16.56 11.46
N LEU B 104 -6.26 -24.13 6.59
CA LEU B 104 -6.61 -24.14 5.17
C LEU B 104 -7.48 -22.93 4.86
N PHE B 105 -7.11 -22.24 3.81
CA PHE B 105 -7.82 -21.06 3.34
C PHE B 105 -8.76 -21.43 2.20
N THR B 106 -8.26 -22.31 1.34
CA THR B 106 -8.95 -22.83 0.17
C THR B 106 -10.25 -23.51 0.47
N LYS B 107 -10.46 -24.03 1.69
CA LYS B 107 -11.63 -24.84 2.05
C LYS B 107 -12.99 -24.32 1.53
N GLU B 108 -13.34 -23.10 1.93
CA GLU B 108 -14.63 -22.50 1.54
C GLU B 108 -14.65 -22.17 0.06
N LEU B 109 -13.50 -21.76 -0.48
CA LEU B 109 -13.41 -21.47 -1.90
C LEU B 109 -13.67 -22.70 -2.75
N GLU B 110 -13.21 -23.86 -2.28
CA GLU B 110 -13.41 -25.14 -2.97
C GLU B 110 -14.85 -25.58 -2.91
N HIS B 111 -15.59 -25.20 -1.84
CA HIS B 111 -16.98 -25.60 -1.75
C HIS B 111 -17.80 -24.79 -2.74
N ALA B 112 -17.46 -23.50 -2.92
CA ALA B 112 -18.14 -22.63 -3.87
C ALA B 112 -17.87 -23.10 -5.28
N LEU B 113 -16.61 -23.41 -5.60
CA LEU B 113 -16.23 -23.92 -6.91
C LEU B 113 -17.01 -25.17 -7.23
N GLU B 114 -17.12 -26.05 -6.24
CA GLU B 114 -17.85 -27.30 -6.38
C GLU B 114 -19.31 -27.08 -6.75
N LYS B 115 -19.94 -26.10 -6.10
CA LYS B 115 -21.33 -25.76 -6.35
C LYS B 115 -21.51 -25.03 -7.66
N ASN B 116 -20.43 -24.53 -8.26
CA ASN B 116 -20.46 -23.73 -9.47
C ASN B 116 -20.96 -22.32 -9.03
N GLU B 117 -20.69 -21.93 -7.79
CA GLU B 117 -21.06 -20.61 -7.27
C GLU B 117 -20.04 -19.63 -7.87
N VAL B 118 -18.77 -20.03 -7.96
CA VAL B 118 -17.71 -19.26 -8.62
C VAL B 118 -17.07 -20.17 -9.67
N ASP B 119 -16.26 -19.59 -10.55
CA ASP B 119 -15.58 -20.26 -11.65
C ASP B 119 -14.07 -20.34 -11.46
N LEU B 120 -13.42 -19.37 -10.77
CA LEU B 120 -11.97 -19.44 -10.50
C LEU B 120 -11.59 -18.71 -9.24
N VAL B 121 -10.57 -19.22 -8.56
CA VAL B 121 -10.08 -18.65 -7.31
C VAL B 121 -8.63 -18.26 -7.47
N VAL B 122 -8.19 -17.14 -6.87
CA VAL B 122 -6.81 -16.75 -6.90
C VAL B 122 -6.27 -16.95 -5.51
N HIS B 123 -5.11 -17.63 -5.42
CA HIS B 123 -4.40 -17.90 -4.18
C HIS B 123 -2.92 -17.63 -4.34
N SER B 124 -2.22 -17.62 -3.23
CA SER B 124 -0.78 -17.55 -3.24
C SER B 124 -0.46 -19.01 -3.39
N LEU B 125 0.46 -19.33 -4.27
CA LEU B 125 0.82 -20.74 -4.50
C LEU B 125 1.34 -21.45 -3.27
N LYS B 126 1.97 -20.73 -2.35
CA LYS B 126 2.44 -21.37 -1.12
C LYS B 126 1.31 -21.71 -0.15
N ASP B 127 0.05 -21.28 -0.42
CA ASP B 127 -1.12 -21.53 0.42
C ASP B 127 -1.97 -22.66 -0.14
N LEU B 128 -1.51 -23.23 -1.26
CA LEU B 128 -2.15 -24.34 -1.95
C LEU B 128 -1.33 -25.56 -1.65
N PRO B 129 -1.98 -26.59 -1.11
CA PRO B 129 -1.26 -27.83 -0.77
C PRO B 129 -0.83 -28.63 -2.00
N THR B 130 0.21 -29.48 -1.88
CA THR B 130 0.74 -30.31 -2.96
C THR B 130 -0.28 -31.29 -3.52
N VAL B 131 -1.15 -31.82 -2.65
CA VAL B 131 -2.26 -32.68 -3.05
C VAL B 131 -3.53 -31.85 -2.99
N LEU B 132 -4.11 -31.53 -4.13
CA LEU B 132 -5.36 -30.79 -4.08
C LEU B 132 -6.46 -31.83 -3.97
N PRO B 133 -7.62 -31.48 -3.38
CA PRO B 133 -8.71 -32.46 -3.29
C PRO B 133 -9.25 -32.88 -4.65
N PRO B 134 -10.11 -33.92 -4.70
CA PRO B 134 -10.64 -34.37 -5.98
C PRO B 134 -11.61 -33.38 -6.60
N GLY B 135 -11.40 -33.12 -7.89
CA GLY B 135 -12.22 -32.19 -8.66
C GLY B 135 -11.71 -30.76 -8.68
N PHE B 136 -10.42 -30.52 -8.38
CA PHE B 136 -9.81 -29.19 -8.38
C PHE B 136 -8.41 -29.28 -8.93
N THR B 137 -7.93 -28.22 -9.53
CA THR B 137 -6.57 -28.16 -10.04
C THR B 137 -6.11 -26.72 -10.10
N ILE B 138 -4.80 -26.53 -10.15
CA ILE B 138 -4.17 -25.23 -10.28
C ILE B 138 -4.12 -25.05 -11.81
N GLY B 139 -5.03 -24.21 -12.31
CA GLY B 139 -5.17 -23.90 -13.73
C GLY B 139 -4.13 -22.95 -14.30
N ALA B 140 -3.51 -22.09 -13.45
CA ALA B 140 -2.48 -21.14 -13.91
C ALA B 140 -1.50 -20.84 -12.85
N ILE B 141 -0.23 -20.71 -13.23
CA ILE B 141 0.86 -20.35 -12.33
C ILE B 141 1.33 -19.02 -12.90
N CYS B 142 0.97 -17.95 -12.20
CA CYS B 142 1.33 -16.59 -12.58
C CYS B 142 2.80 -16.30 -12.35
N LYS B 143 3.36 -15.41 -13.19
CA LYS B 143 4.75 -14.93 -13.12
C LYS B 143 5.13 -14.62 -11.68
N ARG B 144 6.33 -15.02 -11.31
CA ARG B 144 6.74 -14.90 -9.93
C ARG B 144 7.16 -13.49 -9.57
N GLU B 145 6.67 -13.06 -8.41
CA GLU B 145 7.06 -11.81 -7.75
C GLU B 145 8.22 -12.16 -6.81
N ASN B 146 8.82 -11.22 -6.10
CA ASN B 146 10.00 -11.53 -5.26
C ASN B 146 9.72 -12.68 -4.28
N PRO B 147 10.42 -13.81 -4.44
CA PRO B 147 10.16 -14.94 -3.57
C PRO B 147 10.79 -14.83 -2.19
N HIS B 148 11.73 -13.91 -1.98
CA HIS B 148 12.47 -13.81 -0.72
C HIS B 148 11.71 -13.29 0.49
N ASP B 149 12.18 -13.71 1.63
CA ASP B 149 11.71 -13.24 2.92
C ASP B 149 12.47 -11.91 3.16
N ALA B 150 11.79 -10.91 3.69
CA ALA B 150 12.42 -9.63 3.96
C ALA B 150 12.28 -9.28 5.41
N VAL B 151 13.12 -8.35 5.85
CA VAL B 151 13.09 -7.80 7.21
C VAL B 151 12.57 -6.35 7.12
N VAL B 152 11.73 -5.96 8.07
CA VAL B 152 11.32 -4.57 8.30
C VAL B 152 11.87 -4.32 9.71
N PHE B 153 12.51 -3.18 9.95
CA PHE B 153 13.15 -2.85 11.22
C PHE B 153 12.44 -1.76 12.02
N HIS B 154 12.68 -1.70 13.30
CA HIS B 154 12.08 -0.66 14.14
C HIS B 154 12.68 0.67 13.66
N PRO B 155 11.91 1.77 13.61
CA PRO B 155 12.48 3.04 13.11
C PRO B 155 13.85 3.49 13.67
N LYS B 156 14.31 2.96 14.80
CA LYS B 156 15.67 3.23 15.30
C LYS B 156 16.73 2.51 14.44
N PHE B 157 16.48 1.24 14.09
CA PHE B 157 17.44 0.40 13.35
C PHE B 157 17.28 0.52 11.82
N VAL B 158 17.34 1.76 11.32
CA VAL B 158 17.32 1.96 9.89
C VAL B 158 18.80 1.82 9.46
N GLY B 159 19.01 1.08 8.35
CA GLY B 159 20.34 0.80 7.82
C GLY B 159 21.07 -0.33 8.54
N LYS B 160 20.40 -1.00 9.51
CA LYS B 160 20.95 -2.06 10.36
C LYS B 160 20.42 -3.44 9.96
N THR B 161 21.22 -4.27 9.33
CA THR B 161 20.81 -5.62 8.96
C THR B 161 20.66 -6.49 10.22
N LEU B 162 20.00 -7.66 10.08
CA LEU B 162 19.85 -8.61 11.20
C LEU B 162 21.21 -8.93 11.83
N GLU B 163 22.24 -9.04 10.99
CA GLU B 163 23.63 -9.29 11.40
C GLU B 163 24.16 -8.25 12.34
N THR B 164 23.87 -6.99 12.06
CA THR B 164 24.41 -5.92 12.90
C THR B 164 23.39 -5.44 13.97
N LEU B 165 22.28 -6.15 14.11
CA LEU B 165 21.27 -5.84 15.14
C LEU B 165 21.90 -6.12 16.49
N PRO B 166 21.55 -5.36 17.57
CA PRO B 166 22.14 -5.68 18.89
C PRO B 166 21.73 -7.06 19.39
N GLU B 167 22.58 -7.68 20.21
CA GLU B 167 22.30 -9.03 20.72
C GLU B 167 21.09 -9.08 21.68
N LYS B 168 20.39 -10.24 21.68
CA LYS B 168 19.12 -10.56 22.34
C LYS B 168 17.98 -9.55 21.94
N SER B 169 17.98 -9.14 20.65
CA SER B 169 16.92 -8.31 20.09
C SER B 169 15.78 -9.24 19.69
N VAL B 170 14.55 -8.76 19.87
CA VAL B 170 13.38 -9.56 19.55
C VAL B 170 13.05 -9.37 18.09
N VAL B 171 12.85 -10.51 17.39
CA VAL B 171 12.46 -10.52 15.99
C VAL B 171 11.13 -11.29 15.93
N GLY B 172 10.09 -10.62 15.46
CA GLY B 172 8.75 -11.19 15.38
C GLY B 172 8.47 -11.98 14.13
N THR B 173 8.05 -13.23 14.31
CA THR B 173 7.63 -14.10 13.20
C THR B 173 6.79 -15.23 13.72
N SER B 174 5.76 -15.64 12.95
CA SER B 174 4.86 -16.78 13.24
C SER B 174 5.17 -18.05 12.39
N SER B 175 6.18 -17.99 11.50
CA SER B 175 6.57 -19.11 10.63
C SER B 175 7.66 -19.99 11.27
N LEU B 176 7.42 -21.30 11.37
CA LEU B 176 8.42 -22.25 11.91
C LEU B 176 9.57 -22.35 10.92
N ARG B 177 9.30 -22.16 9.62
CA ARG B 177 10.31 -22.24 8.60
C ARG B 177 11.32 -21.11 8.75
N ARG B 178 10.81 -19.92 9.01
CA ARG B 178 11.66 -18.74 9.19
C ARG B 178 12.38 -18.79 10.51
N ALA B 179 11.65 -19.06 11.60
CA ALA B 179 12.24 -19.10 12.92
C ALA B 179 13.34 -20.15 13.01
N ALA B 180 13.13 -21.35 12.50
CA ALA B 180 14.16 -22.40 12.58
C ALA B 180 15.45 -21.98 11.87
N GLN B 181 15.32 -21.39 10.66
CA GLN B 181 16.47 -20.91 9.88
C GLN B 181 17.14 -19.73 10.56
N LEU B 182 16.34 -18.78 10.96
CA LEU B 182 16.85 -17.58 11.59
C LEU B 182 17.43 -17.83 12.98
N GLN B 183 16.94 -18.81 13.73
CA GLN B 183 17.53 -19.15 15.05
C GLN B 183 18.91 -19.74 14.84
N ARG B 184 19.06 -20.67 13.85
CA ARG B 184 20.35 -21.31 13.54
C ARG B 184 21.35 -20.27 13.08
N LYS B 185 20.93 -19.42 12.12
CA LYS B 185 21.83 -18.42 11.57
C LYS B 185 22.23 -17.33 12.61
N PHE B 186 21.23 -16.79 13.33
CA PHE B 186 21.36 -15.73 14.35
C PHE B 186 21.12 -16.32 15.77
N PRO B 187 22.12 -16.99 16.34
CA PRO B 187 21.96 -17.52 17.70
C PRO B 187 21.72 -16.46 18.76
N HIS B 188 22.27 -15.24 18.56
CA HIS B 188 22.19 -14.17 19.52
C HIS B 188 20.91 -13.33 19.38
N LEU B 189 19.99 -13.65 18.46
CA LEU B 189 18.72 -12.93 18.42
C LEU B 189 17.60 -13.84 18.88
N GLU B 190 16.59 -13.23 19.54
CA GLU B 190 15.42 -13.90 20.08
C GLU B 190 14.35 -13.86 19.04
N PHE B 191 13.60 -14.98 18.80
CA PHE B 191 12.55 -15.00 17.78
C PHE B 191 11.20 -15.27 18.42
N ARG B 192 10.45 -14.21 18.70
CA ARG B 192 9.15 -14.33 19.33
C ARG B 192 8.05 -14.28 18.27
N SER B 193 6.82 -14.58 18.67
CA SER B 193 5.66 -14.57 17.78
C SER B 193 4.98 -13.21 17.73
N ILE B 194 4.80 -12.66 16.54
CA ILE B 194 4.10 -11.39 16.37
C ILE B 194 2.79 -11.77 15.70
N ARG B 195 1.70 -11.08 16.02
CA ARG B 195 0.39 -11.43 15.50
C ARG B 195 -0.35 -10.24 14.92
N GLY B 196 -1.10 -10.50 13.85
CA GLY B 196 -1.92 -9.53 13.14
C GLY B 196 -1.55 -9.46 11.66
N ASN B 197 -2.26 -8.65 10.92
CA ASN B 197 -1.97 -8.44 9.50
C ASN B 197 -0.87 -7.38 9.30
N LEU B 198 -0.32 -7.21 8.09
CA LEU B 198 0.76 -6.24 7.87
C LEU B 198 0.55 -4.92 8.58
N ASN B 199 -0.59 -4.28 8.35
CA ASN B 199 -0.87 -3.02 9.02
C ASN B 199 -0.80 -3.11 10.53
N THR B 200 -1.19 -4.24 11.11
CA THR B 200 -1.11 -4.44 12.56
C THR B 200 0.35 -4.70 12.95
N ARG B 201 1.03 -5.61 12.24
CA ARG B 201 2.43 -5.93 12.58
C ARG B 201 3.35 -4.71 12.45
N LEU B 202 3.14 -3.92 11.40
CA LEU B 202 3.95 -2.71 11.23
C LEU B 202 3.56 -1.66 12.23
N ARG B 203 2.28 -1.53 12.60
CA ARG B 203 1.90 -0.57 13.65
C ARG B 203 2.53 -0.93 14.96
N LYS B 204 2.45 -2.19 15.34
CA LYS B 204 3.03 -2.68 16.59
C LYS B 204 4.53 -2.38 16.66
N LEU B 205 5.25 -2.65 15.60
CA LEU B 205 6.69 -2.40 15.53
C LEU B 205 7.02 -0.92 15.65
N ASP B 206 6.24 -0.08 15.03
CA ASP B 206 6.50 1.36 15.13
C ASP B 206 6.20 1.90 16.53
N GLU B 207 5.03 1.55 17.04
CA GLU B 207 4.57 2.02 18.33
C GLU B 207 5.29 1.39 19.51
N GLN B 208 5.25 0.06 19.58
CA GLN B 208 5.79 -0.75 20.70
C GLN B 208 7.28 -1.10 20.62
N GLN B 209 7.93 -1.05 21.77
CA GLN B 209 9.35 -1.30 21.89
C GLN B 209 9.77 -2.78 21.93
N GLU B 210 8.80 -3.73 21.95
CA GLU B 210 9.08 -5.16 22.03
C GLU B 210 9.97 -5.66 20.90
N PHE B 211 9.56 -5.41 19.66
CA PHE B 211 10.28 -5.91 18.50
C PHE B 211 11.29 -4.93 17.99
N SER B 212 12.36 -5.47 17.40
CA SER B 212 13.46 -4.75 16.78
C SER B 212 13.40 -4.93 15.22
N ALA B 213 12.71 -5.97 14.80
CA ALA B 213 12.43 -6.26 13.40
C ALA B 213 11.30 -7.28 13.32
N ILE B 214 10.75 -7.46 12.11
CA ILE B 214 9.72 -8.44 11.83
C ILE B 214 10.03 -9.07 10.52
N ILE B 215 9.83 -10.38 10.41
CA ILE B 215 10.08 -11.10 9.16
C ILE B 215 8.76 -11.20 8.41
N LEU B 216 8.82 -10.92 7.11
CA LEU B 216 7.67 -10.88 6.21
C LEU B 216 8.10 -11.34 4.84
N ALA B 217 7.13 -11.45 3.90
CA ALA B 217 7.46 -11.78 2.52
C ALA B 217 7.57 -10.48 1.73
N THR B 218 8.62 -10.40 0.91
CA THR B 218 8.91 -9.26 0.05
C THR B 218 7.74 -8.97 -0.95
N ALA B 219 7.29 -10.01 -1.67
CA ALA B 219 6.14 -9.94 -2.59
C ALA B 219 4.91 -9.41 -1.88
N GLY B 220 4.74 -9.83 -0.63
CA GLY B 220 3.63 -9.38 0.20
C GLY B 220 3.68 -7.88 0.36
N LEU B 221 4.79 -7.37 0.89
CA LEU B 221 4.97 -5.94 1.02
C LEU B 221 4.89 -5.23 -0.32
N GLN B 222 5.43 -5.84 -1.39
CA GLN B 222 5.42 -5.22 -2.73
C GLN B 222 4.01 -4.93 -3.27
N ARG B 223 3.10 -5.90 -3.09
CA ARG B 223 1.69 -5.86 -3.51
C ARG B 223 0.90 -4.81 -2.77
N MET B 224 1.18 -4.63 -1.46
CA MET B 224 0.55 -3.57 -0.67
C MET B 224 1.04 -2.21 -1.14
N GLY B 225 2.20 -2.16 -1.75
CA GLY B 225 2.84 -0.91 -2.16
C GLY B 225 3.63 -0.33 -1.02
N TRP B 226 4.10 -1.21 -0.13
CA TRP B 226 4.90 -0.83 1.00
C TRP B 226 6.29 -1.41 0.87
N HIS B 227 6.77 -1.48 -0.36
CA HIS B 227 8.14 -1.83 -0.72
C HIS B 227 9.19 -0.95 -0.02
N ASN B 228 8.85 0.32 0.24
CA ASN B 228 9.80 1.23 0.88
C ASN B 228 10.09 0.81 2.33
N ARG B 229 9.20 -0.02 2.91
CA ARG B 229 9.36 -0.52 4.25
C ARG B 229 10.42 -1.57 4.40
N VAL B 230 10.73 -2.32 3.33
CA VAL B 230 11.67 -3.44 3.33
C VAL B 230 13.02 -2.90 3.72
N GLY B 231 13.62 -3.50 4.73
CA GLY B 231 14.91 -3.11 5.27
C GLY B 231 16.07 -3.98 4.82
N GLN B 232 15.84 -5.31 4.79
CA GLN B 232 16.82 -6.30 4.35
C GLN B 232 16.09 -7.39 3.55
N ILE B 233 16.58 -7.75 2.36
CA ILE B 233 15.97 -8.88 1.64
C ILE B 233 16.85 -10.05 1.96
N LEU B 234 16.30 -11.04 2.68
CA LEU B 234 17.05 -12.22 3.14
C LEU B 234 17.36 -13.18 2.01
N HIS B 235 18.64 -13.54 1.88
CA HIS B 235 19.15 -14.45 0.87
C HIS B 235 19.06 -15.89 1.39
N PRO B 236 19.13 -16.92 0.51
CA PRO B 236 19.10 -18.32 0.98
C PRO B 236 20.00 -18.72 2.13
N GLU B 237 21.14 -18.04 2.32
CA GLU B 237 22.12 -18.35 3.36
C GLU B 237 21.59 -17.94 4.72
N GLU B 238 20.80 -16.85 4.74
CA GLU B 238 20.13 -16.40 5.95
C GLU B 238 18.77 -17.09 6.10
N CYS B 239 17.95 -17.12 5.04
CA CYS B 239 16.60 -17.71 5.11
C CYS B 239 16.08 -18.09 3.72
N MET B 240 16.02 -19.40 3.42
CA MET B 240 15.41 -19.87 2.18
C MET B 240 13.91 -19.72 2.30
N TYR B 241 13.25 -19.42 1.18
CA TYR B 241 11.82 -19.16 1.13
C TYR B 241 10.94 -20.40 1.16
N ALA B 242 9.65 -20.20 1.38
CA ALA B 242 8.62 -21.25 1.37
C ALA B 242 8.36 -21.70 -0.10
N VAL B 243 7.80 -22.93 -0.30
CA VAL B 243 7.51 -23.53 -1.61
C VAL B 243 6.43 -22.73 -2.31
N GLY B 244 6.74 -22.26 -3.52
CA GLY B 244 5.85 -21.43 -4.32
C GLY B 244 5.60 -20.05 -3.75
N GLN B 245 6.53 -19.49 -2.93
CA GLN B 245 6.35 -18.13 -2.39
C GLN B 245 6.62 -17.14 -3.52
N GLY B 246 5.94 -16.00 -3.48
CA GLY B 246 6.07 -15.00 -4.53
C GLY B 246 5.30 -15.32 -5.80
N ALA B 247 4.67 -16.50 -5.92
CA ALA B 247 3.89 -16.81 -7.13
C ALA B 247 2.40 -17.01 -6.76
N LEU B 248 1.51 -16.52 -7.66
CA LEU B 248 0.07 -16.66 -7.50
C LEU B 248 -0.39 -17.85 -8.28
N GLY B 249 -1.31 -18.59 -7.71
CA GLY B 249 -1.90 -19.77 -8.32
C GLY B 249 -3.39 -19.54 -8.52
N VAL B 250 -3.96 -20.03 -9.63
CA VAL B 250 -5.39 -19.90 -9.86
C VAL B 250 -5.99 -21.28 -9.78
N GLU B 251 -6.90 -21.49 -8.79
CA GLU B 251 -7.58 -22.78 -8.59
C GLU B 251 -8.88 -22.77 -9.36
N VAL B 252 -9.15 -23.87 -10.06
CA VAL B 252 -10.32 -24.08 -10.88
C VAL B 252 -10.73 -25.54 -10.78
N ARG B 253 -11.89 -25.86 -11.33
CA ARG B 253 -12.42 -27.24 -11.37
C ARG B 253 -11.66 -28.03 -12.44
N ALA B 254 -11.18 -29.22 -12.07
CA ALA B 254 -10.40 -30.11 -12.91
C ALA B 254 -11.05 -30.49 -14.22
N LYS B 255 -12.38 -30.58 -14.26
CA LYS B 255 -13.10 -30.94 -15.49
C LYS B 255 -13.82 -29.77 -16.16
N ASP B 256 -13.33 -28.53 -15.98
CA ASP B 256 -13.91 -27.35 -16.63
C ASP B 256 -12.94 -26.89 -17.70
N GLN B 257 -13.05 -27.48 -18.90
CA GLN B 257 -12.15 -27.13 -20.00
C GLN B 257 -12.26 -25.68 -20.37
N ASP B 258 -13.47 -25.10 -20.36
CA ASP B 258 -13.66 -23.70 -20.72
C ASP B 258 -12.87 -22.74 -19.84
N ILE B 259 -12.83 -23.00 -18.51
CA ILE B 259 -12.10 -22.16 -17.57
C ILE B 259 -10.61 -22.43 -17.64
N LEU B 260 -10.20 -23.68 -17.87
CA LEU B 260 -8.77 -24.00 -17.99
C LEU B 260 -8.16 -23.34 -19.23
N ASP B 261 -8.92 -23.32 -20.31
CA ASP B 261 -8.49 -22.69 -21.57
C ASP B 261 -8.16 -21.22 -21.35
N LEU B 262 -9.12 -20.47 -20.81
CA LEU B 262 -8.95 -19.06 -20.56
C LEU B 262 -7.83 -18.77 -19.64
N VAL B 263 -7.78 -19.48 -18.53
CA VAL B 263 -6.75 -19.18 -17.53
C VAL B 263 -5.36 -19.65 -17.93
N GLY B 264 -5.25 -20.60 -18.85
CA GLY B 264 -3.97 -21.06 -19.38
C GLY B 264 -3.07 -19.93 -19.86
N VAL B 265 -3.66 -18.82 -20.36
CA VAL B 265 -2.89 -17.67 -20.81
C VAL B 265 -1.95 -17.12 -19.75
N LEU B 266 -2.36 -17.18 -18.47
CA LEU B 266 -1.64 -16.67 -17.32
C LEU B 266 -0.40 -17.48 -17.01
N HIS B 267 -0.30 -18.73 -17.45
CA HIS B 267 0.91 -19.52 -17.14
C HIS B 267 2.22 -18.86 -17.59
N ASP B 268 3.16 -18.67 -16.65
CA ASP B 268 4.51 -18.24 -16.96
C ASP B 268 5.35 -19.53 -16.90
N PRO B 269 6.03 -19.91 -18.00
CA PRO B 269 6.81 -21.17 -17.97
C PRO B 269 7.96 -21.21 -16.99
N GLU B 270 8.76 -20.12 -16.87
CA GLU B 270 9.85 -20.19 -15.89
C GLU B 270 9.28 -20.36 -14.49
N THR B 271 8.20 -19.67 -14.09
CA THR B 271 7.65 -19.84 -12.74
C THR B 271 7.06 -21.23 -12.58
N LEU B 272 6.26 -21.67 -13.56
CA LEU B 272 5.63 -22.99 -13.53
C LEU B 272 6.66 -24.07 -13.25
N LEU B 273 7.78 -24.08 -13.99
CA LEU B 273 8.80 -25.14 -13.86
C LEU B 273 9.46 -25.16 -12.49
N ARG B 274 9.84 -24.01 -12.04
CA ARG B 274 10.41 -23.86 -10.70
C ARG B 274 9.38 -24.27 -9.65
N CYS B 275 8.14 -23.90 -9.86
CA CYS B 275 7.14 -24.22 -8.89
C CYS B 275 6.78 -25.70 -8.86
N ILE B 276 6.87 -26.41 -9.97
CA ILE B 276 6.65 -27.87 -10.01
C ILE B 276 7.77 -28.55 -9.25
N ALA B 277 9.02 -28.17 -9.54
CA ALA B 277 10.17 -28.74 -8.88
C ALA B 277 10.04 -28.65 -7.36
N GLU B 278 9.72 -27.46 -6.87
CA GLU B 278 9.56 -27.19 -5.43
C GLU B 278 8.40 -27.97 -4.79
N ARG B 279 7.28 -27.98 -5.49
CA ARG B 279 6.11 -28.72 -5.02
C ARG B 279 6.38 -30.23 -5.02
N ALA B 280 7.03 -30.72 -6.08
CA ALA B 280 7.37 -32.13 -6.18
C ALA B 280 8.30 -32.56 -5.04
N PHE B 281 9.36 -31.77 -4.77
CA PHE B 281 10.28 -31.98 -3.66
C PHE B 281 9.59 -32.07 -2.28
N LEU B 282 8.69 -31.13 -2.01
CA LEU B 282 7.96 -31.05 -0.74
C LEU B 282 7.00 -32.21 -0.57
N ARG B 283 6.28 -32.49 -1.64
CA ARG B 283 5.29 -33.56 -1.65
C ARG B 283 5.96 -34.89 -1.38
N HIS B 284 7.12 -35.11 -2.04
CA HIS B 284 7.87 -36.34 -1.91
C HIS B 284 8.50 -36.49 -0.49
N LEU B 285 8.85 -35.39 0.15
CA LEU B 285 9.32 -35.44 1.52
C LEU B 285 8.21 -35.93 2.48
N GLU B 286 6.92 -35.62 2.23
CA GLU B 286 5.79 -36.04 3.08
C GLU B 286 5.91 -35.42 4.47
N GLY B 287 6.11 -34.11 4.49
CA GLY B 287 6.30 -33.34 5.72
C GLY B 287 5.10 -33.21 6.62
N GLY B 288 3.92 -33.52 6.11
CA GLY B 288 2.69 -33.42 6.88
C GLY B 288 1.99 -32.16 6.47
N CYS B 289 2.46 -30.97 6.96
CA CYS B 289 1.78 -29.73 6.60
C CYS B 289 2.59 -28.47 6.88
N SER B 290 2.81 -28.11 8.17
CA SER B 290 3.55 -26.91 8.56
C SER B 290 4.81 -27.40 9.20
N VAL B 291 5.88 -27.46 8.42
CA VAL B 291 7.16 -27.96 8.91
C VAL B 291 8.25 -27.06 8.35
N PRO B 292 9.44 -27.07 8.95
CA PRO B 292 10.52 -26.24 8.40
C PRO B 292 11.09 -26.85 7.12
N VAL B 293 10.40 -26.60 6.00
CA VAL B 293 10.84 -27.02 4.67
C VAL B 293 10.89 -25.71 3.85
N ALA B 294 12.07 -25.42 3.25
CA ALA B 294 12.33 -24.23 2.44
C ALA B 294 13.08 -24.59 1.17
N VAL B 295 13.03 -23.70 0.17
CA VAL B 295 13.64 -23.96 -1.11
C VAL B 295 14.26 -22.76 -1.70
N HIS B 296 15.01 -22.98 -2.76
CA HIS B 296 15.53 -21.90 -3.58
C HIS B 296 15.65 -22.43 -4.97
N THR B 297 15.17 -21.68 -5.96
CA THR B 297 15.22 -22.12 -7.35
C THR B 297 15.70 -21.02 -8.27
N ALA B 298 16.33 -21.42 -9.36
CA ALA B 298 16.87 -20.53 -10.38
C ALA B 298 16.92 -21.20 -11.71
N MET B 299 16.79 -20.44 -12.80
CA MET B 299 16.91 -20.98 -14.15
C MET B 299 17.81 -20.08 -14.98
N LYS B 300 19.09 -20.42 -15.08
CA LYS B 300 20.05 -19.65 -15.88
C LYS B 300 20.90 -20.62 -16.69
N ASP B 301 21.21 -20.24 -17.96
CA ASP B 301 22.09 -20.99 -18.86
C ASP B 301 21.53 -22.39 -19.22
N GLY B 302 20.21 -22.50 -19.34
CA GLY B 302 19.53 -23.75 -19.63
C GLY B 302 19.66 -24.81 -18.55
N GLN B 303 19.56 -24.40 -17.28
CA GLN B 303 19.67 -25.29 -16.14
C GLN B 303 18.68 -24.85 -15.08
N LEU B 304 17.93 -25.81 -14.50
CA LEU B 304 17.05 -25.49 -13.38
C LEU B 304 17.81 -25.89 -12.09
N TYR B 305 18.16 -24.91 -11.24
CA TYR B 305 18.82 -25.17 -9.97
C TYR B 305 17.73 -25.26 -8.92
N LEU B 306 17.79 -26.27 -8.07
CA LEU B 306 16.86 -26.42 -6.95
C LEU B 306 17.67 -26.73 -5.72
N THR B 307 17.51 -25.90 -4.68
CA THR B 307 18.10 -26.10 -3.37
C THR B 307 16.96 -26.35 -2.43
N GLY B 308 17.05 -27.42 -1.67
CA GLY B 308 16.02 -27.80 -0.71
C GLY B 308 16.65 -28.06 0.62
N GLY B 309 15.95 -27.67 1.66
CA GLY B 309 16.46 -27.83 3.01
C GLY B 309 15.40 -28.25 3.99
N VAL B 310 15.85 -28.85 5.10
CA VAL B 310 14.93 -29.26 6.15
C VAL B 310 15.61 -28.96 7.43
N TRP B 311 14.87 -28.48 8.45
CA TRP B 311 15.45 -28.11 9.75
C TRP B 311 14.63 -28.61 10.89
N SER B 312 15.29 -28.74 12.05
CA SER B 312 14.63 -29.01 13.34
C SER B 312 14.07 -27.64 13.79
N LEU B 313 12.94 -27.59 14.54
CA LEU B 313 12.34 -26.30 14.98
C LEU B 313 13.35 -25.26 15.52
N ASP B 314 14.36 -25.71 16.26
CA ASP B 314 15.44 -24.83 16.76
C ASP B 314 16.46 -24.44 15.67
N GLY B 315 16.73 -25.36 14.74
CA GLY B 315 17.68 -25.18 13.65
C GLY B 315 19.00 -25.95 13.79
N SER B 316 19.32 -26.49 14.99
CA SER B 316 20.60 -27.18 15.24
C SER B 316 20.95 -28.21 14.16
N ASP B 317 19.96 -29.03 13.77
CA ASP B 317 20.16 -30.06 12.75
C ASP B 317 19.44 -29.64 11.48
N SER B 318 20.17 -29.73 10.34
CA SER B 318 19.71 -29.27 9.06
C SER B 318 20.29 -30.08 7.89
N ILE B 319 19.47 -30.42 6.88
CA ILE B 319 19.93 -31.12 5.69
C ILE B 319 19.62 -30.25 4.51
N GLN B 320 20.59 -29.45 4.07
CA GLN B 320 20.43 -28.59 2.91
C GLN B 320 21.24 -29.24 1.80
N GLU B 321 20.64 -29.37 0.60
CA GLU B 321 21.31 -29.92 -0.56
C GLU B 321 20.85 -29.23 -1.84
N THR B 322 21.74 -29.21 -2.85
CA THR B 322 21.46 -28.56 -4.12
C THR B 322 21.64 -29.54 -5.29
N MET B 323 20.67 -29.57 -6.17
CA MET B 323 20.69 -30.40 -7.37
C MET B 323 20.27 -29.54 -8.56
N GLN B 324 20.61 -29.97 -9.76
CA GLN B 324 20.27 -29.21 -10.96
C GLN B 324 20.02 -30.12 -12.15
N ALA B 325 19.16 -29.67 -13.07
CA ALA B 325 18.77 -30.39 -14.27
C ALA B 325 18.87 -29.49 -15.46
N THR B 326 19.24 -30.05 -16.61
CA THR B 326 19.28 -29.30 -17.86
C THR B 326 17.86 -29.18 -18.35
N ILE B 327 17.21 -28.06 -18.05
CA ILE B 327 15.83 -27.81 -18.44
C ILE B 327 15.80 -26.45 -19.10
N HIS B 328 15.32 -26.42 -20.36
CA HIS B 328 15.22 -25.21 -21.16
C HIS B 328 13.82 -24.66 -20.99
N VAL B 329 13.74 -23.37 -20.63
CA VAL B 329 12.46 -22.71 -20.46
C VAL B 329 11.77 -22.55 -21.83
N PRO B 330 10.62 -23.23 -22.02
CA PRO B 330 9.96 -23.21 -23.33
C PRO B 330 9.22 -21.92 -23.65
N ALA B 331 9.66 -21.25 -24.70
CA ALA B 331 9.01 -19.99 -25.13
C ALA B 331 7.66 -20.28 -25.81
N GLN B 332 7.57 -21.38 -26.55
CA GLN B 332 6.38 -21.75 -27.31
C GLN B 332 5.30 -22.50 -26.51
N HIS B 333 4.02 -22.11 -26.73
CA HIS B 333 2.85 -22.82 -26.19
C HIS B 333 2.50 -23.95 -27.16
N GLU B 334 1.96 -25.04 -26.64
CA GLU B 334 1.68 -26.29 -27.34
C GLU B 334 0.21 -26.68 -27.13
N ASP B 335 -0.36 -27.50 -28.02
CA ASP B 335 -1.75 -27.97 -27.90
C ASP B 335 -1.76 -29.42 -27.42
N GLY B 336 -1.49 -29.60 -26.13
CA GLY B 336 -1.43 -30.93 -25.51
C GLY B 336 -2.81 -31.50 -25.27
N PRO B 337 -2.89 -32.81 -24.87
CA PRO B 337 -4.19 -33.46 -24.68
C PRO B 337 -4.80 -33.37 -23.28
N GLU B 338 -6.14 -33.52 -23.24
CA GLU B 338 -6.94 -33.45 -22.00
C GLU B 338 -6.71 -34.66 -21.10
N ASP B 339 -6.23 -35.79 -21.67
CA ASP B 339 -5.96 -37.02 -20.92
C ASP B 339 -4.72 -36.94 -20.04
N ASP B 340 -3.83 -35.93 -20.25
CA ASP B 340 -2.61 -35.82 -19.46
C ASP B 340 -2.94 -35.44 -18.03
N PRO B 341 -2.59 -36.30 -17.04
CA PRO B 341 -2.89 -35.96 -15.65
C PRO B 341 -2.12 -34.75 -15.19
N GLN B 342 -2.66 -34.03 -14.20
CA GLN B 342 -2.04 -32.86 -13.60
C GLN B 342 -0.78 -33.30 -12.85
N LEU B 343 0.18 -32.38 -12.64
CA LEU B 343 1.43 -32.66 -11.97
C LEU B 343 1.46 -31.80 -10.74
N VAL B 344 1.61 -32.40 -9.55
CA VAL B 344 1.66 -31.70 -8.24
C VAL B 344 0.52 -30.65 -8.17
N GLY B 345 -0.65 -31.10 -8.60
CA GLY B 345 -1.88 -30.32 -8.66
C GLY B 345 -2.02 -29.31 -9.77
N ILE B 346 -1.11 -29.26 -10.74
CA ILE B 346 -1.07 -28.25 -11.77
C ILE B 346 -1.42 -28.81 -13.14
N THR B 347 -2.34 -28.13 -13.82
CA THR B 347 -2.79 -28.45 -15.16
C THR B 347 -2.25 -27.34 -16.07
N ALA B 348 -1.30 -27.68 -16.95
CA ALA B 348 -0.62 -26.76 -17.85
C ALA B 348 -0.39 -27.51 -19.16
N ARG B 349 -1.47 -27.98 -19.72
CA ARG B 349 -1.51 -28.68 -20.99
C ARG B 349 -1.14 -27.80 -22.20
N ASN B 350 -1.15 -26.46 -22.05
CA ASN B 350 -0.75 -25.57 -23.15
C ASN B 350 0.76 -25.30 -23.16
N ILE B 351 1.48 -25.87 -22.21
CA ILE B 351 2.92 -25.69 -22.05
C ILE B 351 3.57 -27.07 -22.28
N PRO B 352 4.71 -27.16 -23.03
CA PRO B 352 5.35 -28.47 -23.24
C PRO B 352 5.48 -29.30 -21.95
N ARG B 353 5.15 -30.58 -22.05
CA ARG B 353 5.09 -31.51 -20.92
C ARG B 353 6.45 -32.03 -20.54
N GLY B 354 7.36 -32.16 -21.49
CA GLY B 354 8.71 -32.67 -21.23
C GLY B 354 9.45 -31.91 -20.17
N PRO B 355 9.60 -30.58 -20.37
CA PRO B 355 10.23 -29.75 -19.37
C PRO B 355 9.53 -29.81 -18.02
N GLN B 356 8.18 -29.98 -17.96
CA GLN B 356 7.48 -30.09 -16.66
C GLN B 356 7.87 -31.38 -15.90
N LEU B 357 7.93 -32.47 -16.64
CA LEU B 357 8.31 -33.77 -16.09
C LEU B 357 9.73 -33.74 -15.53
N ALA B 358 10.67 -33.06 -16.20
CA ALA B 358 12.05 -32.89 -15.72
C ALA B 358 12.11 -32.12 -14.40
N ALA B 359 11.26 -31.09 -14.25
CA ALA B 359 11.18 -30.30 -13.03
C ALA B 359 10.68 -31.18 -11.88
N GLN B 360 9.64 -32.01 -12.12
CA GLN B 360 9.12 -32.91 -11.08
C GLN B 360 10.20 -33.88 -10.66
N ASN B 361 10.88 -34.45 -11.65
CA ASN B 361 11.97 -35.41 -11.45
C ASN B 361 13.05 -34.82 -10.58
N LEU B 362 13.44 -33.59 -10.86
CA LEU B 362 14.49 -32.90 -10.11
C LEU B 362 14.08 -32.74 -8.65
N GLY B 363 12.85 -32.31 -8.42
CA GLY B 363 12.35 -32.18 -7.06
C GLY B 363 12.33 -33.52 -6.36
N ILE B 364 11.89 -34.56 -7.07
CA ILE B 364 11.83 -35.90 -6.46
C ILE B 364 13.22 -36.40 -6.07
N SER B 365 14.19 -36.18 -6.96
CA SER B 365 15.57 -36.57 -6.74
C SER B 365 16.13 -35.93 -5.48
N LEU B 366 15.87 -34.64 -5.31
CA LEU B 366 16.35 -33.90 -4.16
C LEU B 366 15.66 -34.34 -2.88
N ALA B 367 14.36 -34.62 -2.95
CA ALA B 367 13.64 -35.13 -1.78
C ALA B 367 14.23 -36.50 -1.38
N ASN B 368 14.46 -37.37 -2.38
CA ASN B 368 15.01 -38.71 -2.15
C ASN B 368 16.38 -38.69 -1.45
N LEU B 369 17.25 -37.76 -1.86
CA LEU B 369 18.58 -37.60 -1.23
C LEU B 369 18.42 -37.11 0.19
N LEU B 370 17.52 -36.16 0.41
CA LEU B 370 17.31 -35.66 1.77
C LEU B 370 16.80 -36.77 2.67
N LEU B 371 15.88 -37.60 2.19
CA LEU B 371 15.37 -38.70 3.01
C LEU B 371 16.44 -39.68 3.37
N SER B 372 17.34 -39.99 2.40
CA SER B 372 18.47 -40.90 2.64
C SER B 372 19.37 -40.35 3.73
N LYS B 373 19.60 -39.03 3.71
CA LYS B 373 20.41 -38.34 4.70
C LYS B 373 19.65 -38.16 6.07
N GLY B 374 18.44 -38.71 6.21
CA GLY B 374 17.68 -38.71 7.45
C GLY B 374 16.71 -37.57 7.60
N ALA B 375 16.22 -37.03 6.51
CA ALA B 375 15.25 -35.93 6.55
C ALA B 375 13.93 -36.42 7.14
N LYS B 376 13.59 -37.73 6.99
CA LYS B 376 12.34 -38.22 7.55
C LYS B 376 12.30 -37.99 9.04
N ASN B 377 13.44 -38.29 9.73
CA ASN B 377 13.53 -38.12 11.19
C ASN B 377 13.27 -36.68 11.65
N ILE B 378 13.89 -35.67 11.05
CA ILE B 378 13.70 -34.30 11.52
C ILE B 378 12.22 -33.86 11.45
N LEU B 379 11.52 -34.27 10.40
CA LEU B 379 10.13 -33.87 10.20
C LEU B 379 9.22 -34.35 11.33
N ASP B 380 9.32 -35.64 11.69
CA ASP B 380 8.47 -36.22 12.74
C ASP B 380 8.71 -35.54 14.10
N VAL B 381 9.96 -35.15 14.39
CA VAL B 381 10.29 -34.45 15.63
C VAL B 381 9.60 -33.06 15.64
O15 7J8 C . -5.88 23.96 2.89
C39 7J8 C . -6.87 23.36 2.54
O14 7J8 C . -6.89 22.53 1.50
C38 7J8 C . -8.21 23.53 3.18
C37 7J8 C . -8.14 23.94 4.64
C5 7J8 C . -9.46 24.26 5.26
C2 7J8 C . -10.10 25.55 5.22
C3 7J8 C . -9.69 26.69 4.33
C4 7J8 C . -8.96 27.85 4.97
O1 7J8 C . -8.31 28.61 4.28
O 7J8 C . -9.07 27.97 6.29
C6 7J8 C . -10.25 23.48 6.11
N3 7J8 C . -11.25 24.27 6.61
C1 7J8 C . -11.19 25.51 6.07
C 7J8 C . -12.23 26.53 6.38
C7 7J8 C . -10.19 22.01 6.42
C8 7J8 C . -10.71 21.19 5.28
N2 7J8 C . -9.87 20.73 4.31
C13 7J8 C . -10.57 20.06 3.35
C12 7J8 C . -11.92 20.11 3.69
C34 7J8 C . -13.13 19.71 2.89
C35 7J8 C . -13.77 18.38 3.29
C36 7J8 C . -15.11 18.14 2.66
O13 7J8 C . -15.84 19.05 2.21
O12 7J8 C . -15.47 16.89 2.63
C9 7J8 C . -12.00 20.79 4.97
C10 7J8 C . -13.22 20.81 5.84
C11 7J8 C . -13.82 22.16 6.16
O3 7J8 C . -13.97 22.53 7.31
O2 7J8 C . -14.20 22.88 5.11
C14 7J8 C . -9.85 19.33 2.25
C15 7J8 C . -10.38 17.96 1.92
N1 7J8 C . -10.14 16.89 2.73
C20 7J8 C . -10.82 15.79 2.25
C19 7J8 C . -11.51 16.17 1.14
C31 7J8 C . -12.66 15.40 0.53
C32 7J8 C . -12.38 14.84 -0.84
C33 7J8 C . -13.63 14.34 -1.52
O11 7J8 C . -14.72 14.80 -1.20
O10 7J8 C . -13.51 13.37 -2.44
C16 7J8 C . -11.20 17.54 0.88
C17 7J8 C . -11.68 18.31 -0.33
C18 7J8 C . -10.76 18.33 -1.52
O5 7J8 C . -9.64 17.92 -1.47
O4 7J8 C . -11.25 18.86 -2.61
C21 7J8 C . -10.69 14.44 2.90
C22 7J8 C . -9.29 13.93 2.89
N 7J8 C . -8.36 14.42 3.80
C27 7J8 C . -7.15 13.84 3.52
C26 7J8 C . -7.29 12.97 2.46
C28 7J8 C . -6.21 12.13 1.83
C29 7J8 C . -5.19 12.94 1.01
C30 7J8 C . -4.27 13.81 1.81
O9 7J8 C . -3.87 14.87 1.43
O8 7J8 C . -3.88 13.32 2.95
C23 7J8 C . -8.68 13.02 2.08
C24 7J8 C . -9.34 12.14 1.06
C25 7J8 C . -8.96 12.37 -0.38
O7 7J8 C . -9.24 11.60 -1.27
O6 7J8 C . -8.32 13.48 -0.56
H45 7J8 C . -6.00 22.41 1.08
H43 7J8 C . -8.82 24.25 2.63
H44 7J8 C . -8.76 22.60 3.05
H42 7J8 C . -7.64 23.17 5.23
H41 7J8 C . -7.49 24.81 4.76
H8 7J8 C . -9.08 26.28 3.53
H7 7J8 C . -10.55 27.07 3.78
H9 7J8 C . -8.60 28.77 6.64
H3 7J8 C . -11.94 23.97 7.30
H5 7J8 C . -12.15 27.41 5.74
H4 7J8 C . -12.14 26.90 7.40
H11 7J8 C . -10.74 21.81 7.33
H10 7J8 C . -9.15 21.78 6.65
H2 7J8 C . -8.87 20.84 4.30
H36 7J8 C . -12.90 19.73 1.82
H37 7J8 C . -13.86 20.51 3.02
H38 7J8 C . -13.84 18.31 4.37
H39 7J8 C . -13.09 17.58 3.03
H40 7J8 C . -14.83 16.25 3.05
H12 7J8 C . -14.02 20.21 5.42
H13 7J8 C . -12.98 20.28 6.77
H14 7J8 C . -14.06 22.42 4.24
H16 7J8 C . -8.81 19.24 2.53
H15 7J8 C . -9.84 19.93 1.35
H1 7J8 C . -9.57 16.92 3.56
H31 7J8 C . -13.51 16.08 0.49
H32 7J8 C . -12.98 14.61 1.19
H34 7J8 C . -11.60 14.08 -0.76
H33 7J8 C . -11.93 15.61 -1.47
H35 7J8 C . -12.59 13.01 -2.54
H18 7J8 C . -11.85 19.34 -0.05
H17 7J8 C . -12.66 17.93 -0.59
H19 7J8 C . -12.18 19.19 -2.50
H21 7J8 C . -11.34 13.73 2.40
H20 7J8 C . -11.08 14.51 3.92
H 7J8 C . -8.56 15.05 4.56
H25 7J8 C . -6.26 14.11 4.08
H27 7J8 C . -6.66 11.37 1.20
H26 7J8 C . -5.70 11.56 2.62
H29 7J8 C . -4.61 12.26 0.40
H28 7J8 C . -5.72 13.51 0.25
H30 7J8 C . -3.26 13.93 3.44
H23 7J8 C . -10.43 12.21 1.12
H22 7J8 C . -9.12 11.11 1.32
H24 7J8 C . -8.06 13.65 -1.50
P PO4 D . -6.78 14.01 9.32
O1 PO4 D . -7.65 15.17 10.02
O2 PO4 D . -7.70 12.89 8.73
O3 PO4 D . -5.80 13.31 10.38
O4 PO4 D . -5.91 14.69 8.18
P PO4 E . 12.20 4.11 21.21
O1 PO4 E . 10.99 4.82 21.99
O2 PO4 E . 13.47 3.92 22.17
O3 PO4 E . 12.59 4.99 19.92
O4 PO4 E . 11.74 2.62 20.88
N1 EPE F . 4.07 16.99 -13.17
C2 EPE F . 3.10 17.06 -12.06
C3 EPE F . 3.74 17.65 -10.80
N4 EPE F . 4.90 16.86 -10.42
C5 EPE F . 5.88 16.96 -11.48
C6 EPE F . 5.33 16.34 -12.75
C7 EPE F . 5.43 17.20 -9.08
C8 EPE F . 4.83 16.35 -7.97
O8 EPE F . 5.56 16.47 -6.76
C9 EPE F . 3.50 16.21 -14.28
C10 EPE F . 2.24 16.81 -14.89
S EPE F . 2.48 18.38 -15.44
O1S EPE F . 2.52 19.23 -14.25
O2S EPE F . 1.35 18.70 -16.30
O3S EPE F . 3.75 18.37 -16.15
H21 EPE F . 2.79 16.05 -11.82
H22 EPE F . 2.19 17.61 -12.27
H31 EPE F . 2.98 17.74 -10.03
H32 EPE F . 4.07 18.67 -11.02
H51 EPE F . 6.80 16.44 -11.22
H52 EPE F . 6.21 17.98 -11.69
H61 EPE F . 6.07 16.44 -13.54
H62 EPE F . 5.24 15.27 -12.61
H71 EPE F . 5.33 18.25 -8.81
H72 EPE F . 6.50 17.00 -9.06
H81 EPE F . 4.65 15.32 -8.25
H82 EPE F . 3.83 16.72 -7.73
HO8 EPE F . 4.94 16.32 -6.00
H91 EPE F . 3.24 15.22 -13.92
H92 EPE F . 4.21 16.03 -15.10
H101 EPE F . 1.42 16.67 -14.18
H102 EPE F . 1.90 16.13 -15.67
O15 7J8 G . 3.43 -25.56 -0.60
C39 7J8 G . 3.46 -24.87 0.40
O14 7J8 G . 4.18 -23.78 0.51
C38 7J8 G . 2.65 -25.18 1.63
C37 7J8 G . 1.26 -25.68 1.30
C5 7J8 G . 0.56 -26.32 2.45
C2 7J8 G . 0.72 -27.69 2.89
C3 7J8 G . 1.84 -28.62 2.49
C4 7J8 G . 1.49 -29.73 1.53
O1 7J8 G . 0.35 -29.97 1.16
O 7J8 G . 2.54 -30.42 1.12
C6 7J8 G . -0.48 -25.81 3.22
N3 7J8 G . -0.94 -26.80 4.04
C1 7J8 G . -0.24 -27.94 3.84
C 7J8 G . -0.64 -29.20 4.54
C7 7J8 G . -1.09 -24.43 3.25
C8 7J8 G . -0.30 -23.47 4.09
N2 7J8 G . 0.71 -22.73 3.57
C13 7J8 G . 1.28 -21.94 4.52
C12 7J8 G . 0.62 -22.18 5.72
C34 7J8 G . 0.96 -21.67 7.10
C35 7J8 G . 0.17 -20.43 7.49
C36 7J8 G . 0.74 -19.70 8.69
O13 7J8 G . 1.59 -20.18 9.45
O12 7J8 G . 0.24 -18.49 8.85
C9 7J8 G . -0.41 -23.14 5.43
C10 7J8 G . -1.46 -23.64 6.39
C11 7J8 G . -1.18 -24.93 7.11
O3 7J8 G . -2.09 -25.53 7.62
O2 7J8 G . 0.08 -25.35 7.21
C14 7J8 G . 2.41 -21.02 4.18
C15 7J8 G . 2.37 -19.67 4.84
N1 7J8 G . 1.41 -18.76 4.53
C20 7J8 G . 1.50 -17.66 5.33
C19 7J8 G . 2.53 -17.87 6.22
C31 7J8 G . 2.79 -17.11 7.48
C32 7J8 G . 4.08 -16.30 7.50
C33 7J8 G . 4.51 -15.92 8.88
O11 7J8 G . 4.30 -16.69 9.81
O10 7J8 G . 5.12 -14.74 9.05
C16 7J8 G . 3.14 -19.15 5.87
C17 7J8 G . 4.36 -19.79 6.48
C18 7J8 G . 5.61 -19.73 5.65
O5 7J8 G . 5.61 -19.26 4.52
O4 7J8 G . 6.67 -20.24 6.21
C21 7J8 G . 0.61 -16.48 5.14
C22 7J8 G . 0.93 -15.87 3.81
N 7J8 G . 0.43 -16.39 2.64
C27 7J8 G . 0.90 -15.65 1.60
C26 7J8 G . 1.72 -14.65 2.08
C28 7J8 G . 2.41 -13.59 1.27
C29 7J8 G . 3.57 -14.12 0.45
C30 7J8 G . 3.16 -14.84 -0.81
O9 7J8 G . 3.65 -15.90 -1.17
O8 7J8 G . 2.33 -14.17 -1.52
C23 7J8 G . 1.73 -14.79 3.51
C24 7J8 G . 2.38 -13.89 4.53
C25 7J8 G . 3.88 -13.81 4.54
O7 7J8 G . 4.47 -13.05 5.30
O6 7J8 G . 4.47 -14.58 3.69
H45 7J8 G . 4.71 -23.58 -0.31
H43 7J8 G . 3.17 -25.89 2.27
H44 7J8 G . 2.61 -24.29 2.25
H42 7J8 G . 0.66 -24.85 0.92
H41 7J8 G . 1.30 -26.39 0.47
H8 7J8 G . 2.63 -28.02 2.04
H7 7J8 G . 2.32 -29.05 3.36
H9 7J8 G . 2.28 -31.15 0.49
H3 7J8 G . -1.70 -26.69 4.71
H5 7J8 G . 0.10 -29.98 4.42
H4 7J8 G . -1.56 -29.60 4.13
H11 7J8 G . -2.10 -24.49 3.64
H10 7J8 G . -1.19 -24.08 2.23
H2 7J8 G . 1.00 -22.76 2.60
H36 7J8 G . 2.02 -21.48 7.18
H37 7J8 G . 0.78 -22.46 7.82
H38 7J8 G . -0.86 -20.71 7.69
H39 7J8 G . 0.10 -19.76 6.64
H40 7J8 G . -0.44 -18.21 8.18
H12 7J8 G . -1.67 -22.88 7.13
H13 7J8 G . -2.39 -23.72 5.84
H14 7J8 G . 0.77 -24.75 6.81
H16 7J8 G . 2.42 -20.87 3.11
H15 7J8 G . 3.37 -21.48 4.42
H1 7J8 G . 0.71 -18.89 3.81
H31 7J8 G . 2.82 -17.83 8.30
H32 7J8 G . 1.95 -16.46 7.73
H34 7J8 G . 3.96 -15.45 6.83
H33 7J8 G . 4.87 -16.89 7.05
H35 7J8 G . 5.22 -14.22 8.21
H18 7J8 G . 4.16 -20.84 6.69
H17 7J8 G . 4.48 -19.34 7.47
H19 7J8 G . 6.48 -20.60 7.11
H21 7J8 G . 0.73 -15.76 5.94
H20 7J8 G . -0.43 -16.81 5.19
H 7J8 G . -0.21 -17.17 2.58
H25 7J8 G . 0.63 -15.89 0.57
H27 7J8 G . 2.77 -12.81 1.95
H26 7J8 G . 1.68 -13.09 0.65
H29 7J8 G . 4.21 -13.29 0.16
H28 7J8 G . 4.24 -14.74 1.05
H30 7J8 G . 2.05 -14.67 -2.33
H23 7J8 G . 2.07 -14.14 5.54
H22 7J8 G . 1.96 -12.90 4.37
H24 7J8 G . 5.45 -14.50 3.73
P PO4 H . -4.28 -16.26 -0.48
O1 PO4 H . -3.80 -15.40 0.70
O2 PO4 H . -5.87 -16.43 -0.50
O3 PO4 H . -3.78 -15.56 -1.83
O4 PO4 H . -3.65 -17.72 -0.38
#